data_8QZJ
#
_entry.id   8QZJ
#
_cell.length_a   65.860
_cell.length_b   68.792
_cell.length_c   210.063
_cell.angle_alpha   90.000
_cell.angle_beta   90.000
_cell.angle_gamma   90.000
#
_symmetry.space_group_name_H-M   'P 2 21 21'
#
loop_
_entity.id
_entity.type
_entity.pdbx_description
1 polymer "4'-phosphopantetheinyl transferase PptT"
2 non-polymer "ADENOSINE-3'-5'-DIPHOSPHATE"
3 non-polymer 'MANGANESE (II) ION'
4 water water
#
_entity_poly.entity_id   1
_entity_poly.type   'polypeptide(L)'
_entity_poly.pdbx_seq_one_letter_code
;MGSSHHHHHHSSGLVPRGSHMTVGTLVASVLPATVFEDLAYAELYSDPPGLTPLPEEAPLIARSVAKRRNEFITVRHCAR
IALDQLGVPPAPILKGDKGEPCWPDGMVGSLTHCAGYRGAVVGRRDAVRSVGIDAEPHDVLPNGVLDAISLPAERADMPR
TMPAALHWDRILFCAKEATYKAWFPLTKRWLGFEDAHITFETDSTGWTGRFVSRILIDGSTLSGPPLTTLRGRWSVERGL
VLTAIVL
;
_entity_poly.pdbx_strand_id   A,B,C,D
#
loop_
_chem_comp.id
_chem_comp.type
_chem_comp.name
_chem_comp.formula
A3P RNA linking ADENOSINE-3'-5'-DIPHOSPHATE 'C10 H15 N5 O10 P2'
MN non-polymer 'MANGANESE (II) ION' 'Mn 2'
#
# COMPACT_ATOMS: atom_id res chain seq x y z
N GLY A 24 -30.88 29.47 13.26
CA GLY A 24 -30.62 30.70 13.98
C GLY A 24 -29.91 31.74 13.14
N THR A 25 -29.42 32.80 13.79
CA THR A 25 -28.80 33.90 13.07
C THR A 25 -27.55 34.40 13.78
N LEU A 26 -26.82 33.50 14.44
CA LEU A 26 -25.60 33.91 15.14
C LEU A 26 -24.57 34.46 14.16
N VAL A 27 -24.34 33.76 13.05
CA VAL A 27 -23.32 34.18 12.10
C VAL A 27 -23.67 35.49 11.41
N ALA A 28 -24.96 35.84 11.35
CA ALA A 28 -25.32 37.14 10.78
C ALA A 28 -24.65 38.29 11.52
N SER A 29 -24.21 38.05 12.76
CA SER A 29 -23.54 39.09 13.54
C SER A 29 -22.14 39.41 13.00
N VAL A 30 -21.56 38.54 12.18
CA VAL A 30 -20.20 38.76 11.69
C VAL A 30 -20.20 38.89 10.16
N LEU A 31 -21.30 39.35 9.59
CA LEU A 31 -21.45 39.53 8.16
C LEU A 31 -21.95 40.93 7.86
N PRO A 32 -21.74 41.43 6.65
CA PRO A 32 -22.35 42.71 6.25
C PRO A 32 -23.79 42.53 5.83
N ALA A 33 -24.57 43.60 6.05
CA ALA A 33 -26.01 43.55 5.89
C ALA A 33 -26.50 43.97 4.50
N THR A 34 -25.62 44.45 3.63
CA THR A 34 -26.05 45.13 2.41
C THR A 34 -26.14 44.22 1.19
N VAL A 35 -25.70 42.96 1.28
CA VAL A 35 -25.50 42.13 0.11
C VAL A 35 -26.56 41.04 -0.02
N PHE A 36 -27.77 41.32 0.47
CA PHE A 36 -28.79 40.28 0.61
C PHE A 36 -28.95 39.43 -0.65
N GLU A 37 -28.86 40.05 -1.84
CA GLU A 37 -29.12 39.31 -3.07
C GLU A 37 -28.04 38.29 -3.37
N ASP A 38 -26.80 38.57 -2.94
CA ASP A 38 -25.64 37.80 -3.37
C ASP A 38 -24.88 37.20 -2.19
N LEU A 39 -25.59 36.97 -1.08
CA LEU A 39 -24.96 36.38 0.11
C LEU A 39 -26.06 35.75 0.95
N ALA A 40 -25.83 34.51 1.38
CA ALA A 40 -26.80 33.80 2.21
C ALA A 40 -26.05 32.90 3.18
N TYR A 41 -26.74 32.49 4.24
CA TYR A 41 -26.12 31.69 5.28
C TYR A 41 -27.15 30.73 5.86
N ALA A 42 -26.64 29.75 6.61
CA ALA A 42 -27.48 28.76 7.28
C ALA A 42 -26.63 28.08 8.35
N GLU A 43 -27.25 27.79 9.49
CA GLU A 43 -26.51 27.17 10.58
C GLU A 43 -27.41 26.26 11.40
N LEU A 44 -26.79 25.27 12.04
CA LEU A 44 -27.44 24.39 12.98
C LEU A 44 -26.53 24.21 14.19
N TYR A 45 -27.10 23.71 15.27
CA TYR A 45 -26.37 23.51 16.53
C TYR A 45 -26.26 22.03 16.88
N SER A 46 -26.66 21.15 15.98
CA SER A 46 -26.71 19.73 16.23
C SER A 46 -26.69 19.03 14.87
N ASP A 47 -26.68 17.70 14.90
CA ASP A 47 -26.80 16.90 13.68
C ASP A 47 -28.20 16.28 13.69
N PRO A 48 -29.20 16.94 13.13
CA PRO A 48 -30.56 16.40 13.15
C PRO A 48 -30.60 15.04 12.47
N PRO A 49 -31.14 14.02 13.12
CA PRO A 49 -31.19 12.70 12.49
C PRO A 49 -31.99 12.75 11.20
N GLY A 50 -31.50 12.05 10.18
CA GLY A 50 -32.17 11.95 8.89
C GLY A 50 -31.36 12.46 7.72
N LEU A 51 -30.38 13.32 7.96
CA LEU A 51 -29.61 13.88 6.86
C LEU A 51 -28.67 12.83 6.29
N THR A 52 -28.50 12.88 4.98
CA THR A 52 -27.58 12.00 4.25
C THR A 52 -26.78 12.83 3.27
N PRO A 53 -25.61 12.35 2.87
CA PRO A 53 -24.87 13.01 1.80
C PRO A 53 -25.48 12.67 0.45
N LEU A 54 -25.30 13.59 -0.50
CA LEU A 54 -25.68 13.28 -1.87
C LEU A 54 -24.87 12.08 -2.35
N PRO A 55 -25.39 11.32 -3.31
CA PRO A 55 -24.66 10.12 -3.77
C PRO A 55 -23.20 10.39 -4.08
N GLU A 56 -22.89 11.52 -4.73
CA GLU A 56 -21.52 11.80 -5.14
C GLU A 56 -20.60 12.20 -3.99
N GLU A 57 -21.15 12.53 -2.81
CA GLU A 57 -20.34 12.90 -1.67
C GLU A 57 -19.99 11.72 -0.78
N ALA A 58 -20.72 10.61 -0.88
CA ALA A 58 -20.54 9.51 0.07
C ALA A 58 -19.13 8.94 0.08
N PRO A 59 -18.44 8.76 -1.05
CA PRO A 59 -17.09 8.20 -1.00
C PRO A 59 -16.13 8.99 -0.13
N LEU A 60 -16.40 10.29 0.10
CA LEU A 60 -15.50 11.11 0.88
C LEU A 60 -15.54 10.78 2.37
N ILE A 61 -16.61 10.14 2.84
CA ILE A 61 -16.76 9.80 4.25
C ILE A 61 -16.99 8.31 4.46
N ALA A 62 -16.80 7.50 3.43
CA ALA A 62 -17.07 6.07 3.53
C ALA A 62 -16.31 5.42 4.69
N ARG A 63 -15.09 5.88 4.96
CA ARG A 63 -14.26 5.32 6.02
C ARG A 63 -14.04 6.30 7.16
N SER A 64 -14.90 7.30 7.29
CA SER A 64 -14.72 8.37 8.27
C SER A 64 -15.41 8.02 9.58
N VAL A 65 -14.86 8.57 10.67
CA VAL A 65 -15.42 8.35 11.99
C VAL A 65 -16.78 9.04 12.10
N ALA A 66 -17.56 8.62 13.12
CA ALA A 66 -18.93 9.08 13.24
C ALA A 66 -19.01 10.61 13.35
N LYS A 67 -18.25 11.19 14.29
CA LYS A 67 -18.21 12.64 14.42
C LYS A 67 -18.00 13.30 13.05
N ARG A 68 -17.09 12.75 12.25
CA ARG A 68 -16.77 13.36 10.97
C ARG A 68 -17.91 13.22 9.98
N ARG A 69 -18.49 12.02 9.90
CA ARG A 69 -19.63 11.82 9.00
C ARG A 69 -20.73 12.85 9.28
N ASN A 70 -21.02 13.07 10.57
CA ASN A 70 -22.13 13.93 10.94
C ASN A 70 -21.86 15.38 10.58
N GLU A 71 -20.72 15.93 11.02
CA GLU A 71 -20.41 17.31 10.72
C GLU A 71 -20.33 17.54 9.22
N PHE A 72 -19.78 16.57 8.49
CA PHE A 72 -19.70 16.65 7.04
C PHE A 72 -21.10 16.75 6.43
N ILE A 73 -22.00 15.87 6.86
CA ILE A 73 -23.34 15.81 6.28
C ILE A 73 -24.14 17.06 6.67
N THR A 74 -24.11 17.42 7.95
CA THR A 74 -24.94 18.52 8.42
C THR A 74 -24.50 19.85 7.82
N VAL A 75 -23.19 20.10 7.75
CA VAL A 75 -22.74 21.40 7.28
C VAL A 75 -23.02 21.58 5.79
N ARG A 76 -23.05 20.49 5.03
CA ARG A 76 -23.37 20.59 3.61
C ARG A 76 -24.87 20.71 3.39
N HIS A 77 -25.67 20.13 4.29
CA HIS A 77 -27.08 20.46 4.35
C HIS A 77 -27.28 21.96 4.51
N CYS A 78 -26.60 22.56 5.48
CA CYS A 78 -26.68 24.01 5.66
C CYS A 78 -26.23 24.74 4.39
N ALA A 79 -25.11 24.30 3.80
CA ALA A 79 -24.63 24.94 2.59
C ALA A 79 -25.69 24.92 1.50
N ARG A 80 -26.44 23.81 1.40
CA ARG A 80 -27.46 23.69 0.35
C ARG A 80 -28.72 24.49 0.66
N ILE A 81 -29.00 24.75 1.94
CA ILE A 81 -30.08 25.67 2.28
C ILE A 81 -29.71 27.08 1.87
N ALA A 82 -28.47 27.49 2.13
CA ALA A 82 -28.02 28.81 1.74
C ALA A 82 -28.04 28.96 0.23
N LEU A 83 -27.51 27.96 -0.49
CA LEU A 83 -27.53 27.99 -1.95
C LEU A 83 -28.96 28.06 -2.48
N ASP A 84 -29.87 27.30 -1.88
CA ASP A 84 -31.26 27.31 -2.35
C ASP A 84 -31.90 28.67 -2.16
N GLN A 85 -31.50 29.42 -1.13
CA GLN A 85 -32.02 30.77 -0.96
C GLN A 85 -31.59 31.68 -2.09
N LEU A 86 -30.48 31.37 -2.76
CA LEU A 86 -29.98 32.16 -3.88
C LEU A 86 -30.34 31.56 -5.23
N GLY A 87 -31.30 30.63 -5.26
CA GLY A 87 -31.74 30.05 -6.52
C GLY A 87 -30.79 29.05 -7.14
N VAL A 88 -29.90 28.47 -6.35
CA VAL A 88 -28.88 27.54 -6.85
C VAL A 88 -29.34 26.12 -6.53
N PRO A 89 -29.67 25.30 -7.53
CA PRO A 89 -30.18 23.96 -7.24
C PRO A 89 -29.17 23.13 -6.47
N PRO A 90 -29.61 22.12 -5.72
CA PRO A 90 -28.68 21.36 -4.88
C PRO A 90 -27.61 20.68 -5.73
N ALA A 91 -26.44 20.50 -5.12
CA ALA A 91 -25.30 19.93 -5.83
C ALA A 91 -24.30 19.41 -4.81
N PRO A 92 -23.54 18.37 -5.16
CA PRO A 92 -22.50 17.87 -4.23
C PRO A 92 -21.44 18.94 -3.98
N ILE A 93 -20.88 18.91 -2.77
CA ILE A 93 -19.82 19.83 -2.36
C ILE A 93 -18.62 18.96 -2.00
N LEU A 94 -17.72 18.75 -2.96
CA LEU A 94 -16.54 17.92 -2.75
C LEU A 94 -15.40 18.75 -2.15
N LYS A 95 -14.27 18.10 -1.90
CA LYS A 95 -13.09 18.74 -1.33
C LYS A 95 -11.97 18.71 -2.36
N GLY A 96 -11.30 19.85 -2.57
CA GLY A 96 -10.29 19.97 -3.60
C GLY A 96 -8.89 20.25 -3.08
N ASP A 97 -8.20 21.22 -3.69
CA ASP A 97 -6.85 21.57 -3.27
C ASP A 97 -6.79 21.82 -1.77
N LYS A 98 -5.95 21.04 -1.09
CA LYS A 98 -5.71 21.20 0.35
C LYS A 98 -7.02 21.20 1.14
N GLY A 99 -7.97 20.39 0.69
CA GLY A 99 -9.23 20.23 1.39
C GLY A 99 -10.26 21.31 1.15
N GLU A 100 -10.01 22.27 0.27
CA GLU A 100 -10.93 23.38 0.11
C GLU A 100 -12.20 22.92 -0.60
N PRO A 101 -13.37 23.39 -0.18
CA PRO A 101 -14.62 22.93 -0.81
C PRO A 101 -14.79 23.42 -2.23
N CYS A 102 -15.50 22.62 -3.01
CA CYS A 102 -15.77 22.89 -4.42
C CYS A 102 -17.23 23.30 -4.56
N TRP A 103 -17.46 24.52 -5.02
CA TRP A 103 -18.78 25.13 -5.07
C TRP A 103 -19.37 25.01 -6.46
N PRO A 104 -20.68 25.25 -6.59
CA PRO A 104 -21.28 25.29 -7.93
C PRO A 104 -20.75 26.45 -8.75
N ASP A 105 -21.00 26.37 -10.04
CA ASP A 105 -20.51 27.37 -10.98
C ASP A 105 -21.02 28.76 -10.61
N GLY A 106 -20.09 29.70 -10.46
CA GLY A 106 -20.42 31.08 -10.14
C GLY A 106 -20.61 31.39 -8.68
N MET A 107 -20.39 30.43 -7.79
CA MET A 107 -20.61 30.60 -6.38
C MET A 107 -19.32 30.42 -5.60
N VAL A 108 -19.25 31.05 -4.43
CA VAL A 108 -18.16 30.90 -3.48
C VAL A 108 -18.78 30.75 -2.10
N GLY A 109 -17.95 30.35 -1.13
CA GLY A 109 -18.45 30.19 0.22
C GLY A 109 -17.41 29.55 1.12
N SER A 110 -17.85 29.28 2.35
CA SER A 110 -17.00 28.67 3.36
C SER A 110 -17.86 27.84 4.31
N LEU A 111 -17.21 26.87 4.97
CA LEU A 111 -17.89 25.99 5.91
C LEU A 111 -17.08 25.92 7.20
N THR A 112 -17.77 25.66 8.31
CA THR A 112 -17.11 25.42 9.58
C THR A 112 -17.99 24.51 10.44
N HIS A 113 -17.33 23.67 11.23
CA HIS A 113 -18.02 22.87 12.23
C HIS A 113 -17.14 22.73 13.46
N CYS A 114 -17.76 22.86 14.62
CA CYS A 114 -17.13 22.60 15.90
C CYS A 114 -18.19 22.01 16.81
N ALA A 115 -17.83 21.73 18.05
CA ALA A 115 -18.81 21.23 19.01
C ALA A 115 -19.95 22.24 19.12
N GLY A 116 -21.16 21.78 18.84
CA GLY A 116 -22.34 22.62 18.99
C GLY A 116 -22.59 23.61 17.87
N TYR A 117 -21.87 23.52 16.75
CA TYR A 117 -22.09 24.46 15.66
C TYR A 117 -21.75 23.83 14.31
N ARG A 118 -22.61 24.14 13.33
CA ARG A 118 -22.34 23.89 11.92
C ARG A 118 -22.80 25.13 11.16
N GLY A 119 -22.00 25.61 10.22
CA GLY A 119 -22.31 26.85 9.55
C GLY A 119 -21.77 26.94 8.15
N ALA A 120 -22.58 27.48 7.24
CA ALA A 120 -22.19 27.67 5.85
C ALA A 120 -22.58 29.06 5.41
N VAL A 121 -21.68 29.72 4.68
CA VAL A 121 -21.91 31.04 4.12
C VAL A 121 -21.49 31.00 2.66
N VAL A 122 -22.41 31.33 1.76
CA VAL A 122 -22.16 31.29 0.33
C VAL A 122 -22.55 32.62 -0.29
N GLY A 123 -21.97 32.91 -1.45
CA GLY A 123 -22.23 34.16 -2.14
C GLY A 123 -22.01 33.99 -3.63
N ARG A 124 -22.54 34.95 -4.39
CA ARG A 124 -22.37 34.95 -5.84
C ARG A 124 -21.03 35.58 -6.20
N ARG A 125 -20.27 34.88 -7.04
CA ARG A 125 -18.89 35.25 -7.30
C ARG A 125 -18.79 36.68 -7.84
N ASP A 126 -19.73 37.09 -8.69
CA ASP A 126 -19.67 38.44 -9.26
C ASP A 126 -19.63 39.49 -8.17
N ALA A 127 -20.53 39.41 -7.20
CA ALA A 127 -20.60 40.40 -6.14
C ALA A 127 -19.65 40.08 -4.99
N VAL A 128 -19.51 38.81 -4.64
CA VAL A 128 -18.65 38.36 -3.55
C VAL A 128 -17.45 37.63 -4.15
N ARG A 129 -16.25 38.04 -3.74
CA ARG A 129 -15.02 37.50 -4.31
C ARG A 129 -14.50 36.26 -3.57
N SER A 130 -14.83 36.13 -2.28
CA SER A 130 -14.36 35.01 -1.48
C SER A 130 -14.99 35.13 -0.10
N VAL A 131 -15.09 34.00 0.59
CA VAL A 131 -15.64 33.94 1.93
C VAL A 131 -14.74 33.09 2.81
N GLY A 132 -14.50 33.55 4.03
CA GLY A 132 -13.84 32.75 5.04
C GLY A 132 -14.57 32.89 6.37
N ILE A 133 -14.96 31.77 6.98
CA ILE A 133 -15.65 31.79 8.26
C ILE A 133 -15.03 30.73 9.16
N ASP A 134 -15.18 30.93 10.46
CA ASP A 134 -14.71 29.94 11.42
C ASP A 134 -15.51 30.05 12.72
N ALA A 135 -15.68 28.92 13.39
CA ALA A 135 -16.42 28.84 14.64
C ALA A 135 -15.65 27.94 15.61
N GLU A 136 -15.60 28.36 16.87
CA GLU A 136 -14.98 27.56 17.91
C GLU A 136 -15.72 27.82 19.22
N PRO A 137 -15.67 26.89 20.17
CA PRO A 137 -16.15 27.19 21.52
C PRO A 137 -15.34 28.30 22.16
N HIS A 138 -16.02 29.20 22.86
CA HIS A 138 -15.37 30.33 23.52
C HIS A 138 -14.71 29.82 24.80
N ASP A 139 -13.52 29.25 24.63
CA ASP A 139 -12.74 28.71 25.74
C ASP A 139 -11.27 29.04 25.51
N VAL A 140 -10.52 29.11 26.61
CA VAL A 140 -9.10 29.42 26.49
C VAL A 140 -8.42 28.39 25.60
N LEU A 141 -7.36 28.83 24.92
CA LEU A 141 -6.62 27.93 24.07
C LEU A 141 -5.86 26.90 24.92
N PRO A 142 -5.63 25.71 24.38
CA PRO A 142 -4.77 24.75 25.07
C PRO A 142 -3.33 25.23 25.11
N ASN A 143 -2.50 24.48 25.83
CA ASN A 143 -1.16 24.94 26.18
C ASN A 143 -0.25 24.95 24.95
N GLY A 144 0.43 26.08 24.75
CA GLY A 144 1.42 26.20 23.70
C GLY A 144 0.88 26.59 22.34
N VAL A 145 -0.40 26.33 22.06
CA VAL A 145 -0.94 26.63 20.74
C VAL A 145 -0.87 28.14 20.47
N LEU A 146 -1.03 28.95 21.52
CA LEU A 146 -1.09 30.40 21.32
C LEU A 146 0.21 30.91 20.71
N ASP A 147 1.34 30.59 21.31
CA ASP A 147 2.62 30.99 20.74
C ASP A 147 2.80 30.46 19.32
N ALA A 148 2.21 29.30 19.02
CA ALA A 148 2.36 28.67 17.71
C ALA A 148 1.43 29.24 16.66
N ILE A 149 0.57 30.19 17.01
CA ILE A 149 -0.38 30.74 16.04
C ILE A 149 -0.39 32.26 16.07
N SER A 150 0.54 32.88 16.79
CA SER A 150 0.52 34.32 16.95
C SER A 150 1.93 34.89 16.92
N LEU A 151 2.02 36.12 16.42
CA LEU A 151 3.26 36.90 16.43
C LEU A 151 3.41 37.60 17.77
N PRO A 152 4.65 37.88 18.20
CA PRO A 152 4.83 38.59 19.48
C PRO A 152 4.10 39.91 19.56
N ALA A 153 3.97 40.62 18.43
CA ALA A 153 3.29 41.91 18.45
C ALA A 153 1.79 41.75 18.67
N GLU A 154 1.20 40.65 18.20
CA GLU A 154 -0.22 40.43 18.40
C GLU A 154 -0.53 40.15 19.87
N ARG A 155 0.25 39.26 20.50
CA ARG A 155 0.02 38.96 21.91
C ARG A 155 0.07 40.22 22.76
N ALA A 156 0.82 41.23 22.32
CA ALA A 156 0.96 42.46 23.10
C ALA A 156 -0.20 43.42 22.86
N ASP A 157 -0.50 43.69 21.58
CA ASP A 157 -1.51 44.71 21.27
C ASP A 157 -2.92 44.19 21.49
N MET A 158 -3.18 42.92 21.20
CA MET A 158 -4.55 42.41 21.22
C MET A 158 -5.19 42.49 22.60
N PRO A 159 -4.62 41.89 23.66
CA PRO A 159 -5.35 41.82 24.93
C PRO A 159 -5.83 43.17 25.41
N ARG A 160 -5.16 44.26 25.02
CA ARG A 160 -5.56 45.57 25.47
C ARG A 160 -6.82 46.06 24.77
N THR A 161 -7.15 45.52 23.60
CA THR A 161 -8.24 46.04 22.78
C THR A 161 -9.60 45.48 23.16
N MET A 162 -9.69 44.49 24.03
CA MET A 162 -10.98 43.92 24.37
C MET A 162 -11.10 43.57 25.84
N PRO A 163 -12.32 43.35 26.33
CA PRO A 163 -12.50 43.09 27.77
C PRO A 163 -11.84 41.80 28.21
N ALA A 164 -11.55 41.75 29.52
CA ALA A 164 -10.97 40.55 30.12
C ALA A 164 -11.96 39.39 30.18
N ALA A 165 -13.24 39.63 29.91
CA ALA A 165 -14.22 38.54 29.88
C ALA A 165 -14.02 37.62 28.68
N LEU A 166 -13.30 38.08 27.66
CA LEU A 166 -13.12 37.31 26.43
C LEU A 166 -11.79 36.57 26.46
N HIS A 167 -11.78 35.39 25.82
CA HIS A 167 -10.55 34.65 25.56
C HIS A 167 -10.01 35.15 24.23
N TRP A 168 -9.23 36.22 24.29
CA TRP A 168 -8.72 36.84 23.07
C TRP A 168 -7.84 35.89 22.28
N ASP A 169 -7.11 35.01 22.98
CA ASP A 169 -6.31 33.98 22.30
C ASP A 169 -7.17 33.20 21.32
N ARG A 170 -8.33 32.72 21.78
CA ARG A 170 -9.21 31.93 20.92
C ARG A 170 -9.77 32.76 19.78
N ILE A 171 -10.06 34.03 20.03
CA ILE A 171 -10.60 34.90 18.99
C ILE A 171 -9.55 35.15 17.92
N LEU A 172 -8.33 35.50 18.35
CA LEU A 172 -7.21 35.59 17.42
C LEU A 172 -7.15 34.34 16.55
N PHE A 173 -7.19 33.17 17.18
CA PHE A 173 -7.13 31.90 16.47
C PHE A 173 -8.19 31.82 15.38
N CYS A 174 -9.45 32.05 15.74
CA CYS A 174 -10.52 31.95 14.75
C CYS A 174 -10.33 32.94 13.61
N ALA A 175 -9.84 34.15 13.92
CA ALA A 175 -9.62 35.13 12.87
C ALA A 175 -8.48 34.71 11.94
N LYS A 176 -7.47 34.03 12.48
CA LYS A 176 -6.40 33.53 11.64
C LYS A 176 -6.93 32.46 10.68
N GLU A 177 -7.82 31.60 11.17
CA GLU A 177 -8.36 30.53 10.35
C GLU A 177 -9.36 31.07 9.32
N ALA A 178 -10.17 32.05 9.71
CA ALA A 178 -11.04 32.69 8.74
C ALA A 178 -10.22 33.39 7.65
N THR A 179 -9.10 34.00 8.02
CA THR A 179 -8.25 34.64 7.02
C THR A 179 -7.73 33.62 6.02
N TYR A 180 -7.31 32.45 6.50
CA TYR A 180 -6.82 31.41 5.60
C TYR A 180 -7.92 30.95 4.65
N LYS A 181 -9.12 30.73 5.17
CA LYS A 181 -10.20 30.22 4.33
C LYS A 181 -10.58 31.21 3.24
N ALA A 182 -10.56 32.51 3.56
CA ALA A 182 -10.85 33.52 2.54
C ALA A 182 -9.69 33.68 1.58
N TRP A 183 -8.47 33.43 2.04
CA TRP A 183 -7.27 33.70 1.26
C TRP A 183 -6.99 32.60 0.25
N PHE A 184 -7.11 31.35 0.66
CA PHE A 184 -6.56 30.25 -0.13
C PHE A 184 -7.23 30.06 -1.48
N PRO A 185 -8.57 30.10 -1.58
CA PRO A 185 -9.19 29.90 -2.91
C PRO A 185 -8.72 30.91 -3.93
N LEU A 186 -8.20 32.06 -3.51
CA LEU A 186 -7.82 33.13 -4.42
C LEU A 186 -6.35 33.08 -4.82
N THR A 187 -5.50 32.47 -4.00
CA THR A 187 -4.07 32.38 -4.27
C THR A 187 -3.59 30.95 -4.46
N LYS A 188 -4.25 29.98 -3.83
CA LYS A 188 -3.82 28.57 -3.88
C LYS A 188 -2.42 28.40 -3.29
N ARG A 189 -2.05 29.29 -2.37
CA ARG A 189 -0.76 29.25 -1.71
C ARG A 189 -0.96 29.20 -0.20
N TRP A 190 0.03 28.65 0.49
CA TRP A 190 -0.03 28.53 1.93
C TRP A 190 0.05 29.90 2.59
N LEU A 191 -0.72 30.08 3.67
CA LEU A 191 -0.65 31.27 4.50
C LEU A 191 -0.46 30.81 5.94
N GLY A 192 0.78 30.83 6.42
CA GLY A 192 1.07 30.43 7.78
C GLY A 192 0.68 31.47 8.80
N PHE A 193 0.71 31.06 10.07
CA PHE A 193 0.26 31.90 11.15
C PHE A 193 1.15 33.11 11.36
N GLU A 194 2.39 33.07 10.87
CA GLU A 194 3.30 34.21 10.99
C GLU A 194 3.28 35.10 9.74
N ASP A 195 2.49 34.75 8.73
CA ASP A 195 2.45 35.50 7.48
C ASP A 195 1.35 36.57 7.47
N ALA A 196 0.66 36.78 8.58
CA ALA A 196 -0.37 37.80 8.66
C ALA A 196 -0.38 38.44 10.04
N HIS A 197 -0.50 39.76 10.07
CA HIS A 197 -0.67 40.53 11.29
C HIS A 197 -2.11 41.00 11.37
N ILE A 198 -2.81 40.59 12.42
CA ILE A 198 -4.22 40.92 12.60
C ILE A 198 -4.34 41.93 13.74
N THR A 199 -5.19 42.94 13.53
CA THR A 199 -5.45 43.97 14.52
C THR A 199 -6.95 43.99 14.81
N PHE A 200 -7.30 44.26 16.06
CA PHE A 200 -8.67 44.11 16.53
C PHE A 200 -9.21 45.40 17.11
N GLU A 201 -10.53 45.54 17.06
CA GLU A 201 -11.25 46.66 17.63
C GLU A 201 -12.62 46.14 18.06
N THR A 202 -13.03 46.50 19.27
CA THR A 202 -14.29 46.04 19.84
C THR A 202 -15.29 47.19 19.85
N ASP A 203 -16.55 46.88 19.56
CA ASP A 203 -17.58 47.89 19.78
C ASP A 203 -17.99 47.88 21.25
N SER A 204 -18.71 48.92 21.65
CA SER A 204 -18.89 49.17 23.08
C SER A 204 -19.84 48.20 23.75
N THR A 205 -20.39 47.21 23.04
CA THR A 205 -21.15 46.17 23.71
C THR A 205 -20.26 45.15 24.39
N GLY A 206 -18.98 45.08 24.01
CA GLY A 206 -18.01 44.24 24.67
C GLY A 206 -17.94 42.81 24.19
N TRP A 207 -18.80 42.40 23.25
CA TRP A 207 -18.83 41.02 22.80
C TRP A 207 -18.65 40.84 21.30
N THR A 208 -18.61 41.92 20.52
CA THR A 208 -18.42 41.82 19.08
C THR A 208 -17.49 42.94 18.63
N GLY A 209 -17.00 42.83 17.40
CA GLY A 209 -16.12 43.85 16.88
C GLY A 209 -15.63 43.52 15.49
N ARG A 210 -14.47 44.10 15.16
CA ARG A 210 -13.89 44.01 13.83
C ARG A 210 -12.45 43.56 13.95
N PHE A 211 -11.88 43.18 12.80
CA PHE A 211 -10.46 42.93 12.71
C PHE A 211 -10.04 43.09 11.25
N VAL A 212 -8.79 43.51 11.05
CA VAL A 212 -8.21 43.64 9.72
C VAL A 212 -6.92 42.84 9.70
N SER A 213 -6.80 41.94 8.72
CA SER A 213 -5.64 41.07 8.57
C SER A 213 -4.74 41.64 7.50
N ARG A 214 -3.53 42.03 7.88
CA ARG A 214 -2.56 42.60 6.96
C ARG A 214 -1.59 41.52 6.50
N ILE A 215 -1.46 41.36 5.19
CA ILE A 215 -0.69 40.27 4.61
C ILE A 215 0.78 40.66 4.55
N LEU A 216 1.64 39.81 5.10
CA LEU A 216 3.07 40.08 5.16
C LEU A 216 3.86 39.45 4.02
N ILE A 217 3.24 38.57 3.24
CA ILE A 217 3.92 37.92 2.13
C ILE A 217 3.29 38.38 0.82
N ASP A 218 3.77 37.84 -0.30
CA ASP A 218 3.22 38.18 -1.60
C ASP A 218 1.72 37.85 -1.64
N GLY A 219 0.92 38.84 -2.03
CA GLY A 219 -0.51 38.66 -2.10
C GLY A 219 -1.00 38.34 -3.50
N SER A 220 -0.08 37.96 -4.38
CA SER A 220 -0.45 37.60 -5.75
C SER A 220 -1.59 36.61 -5.77
N THR A 221 -2.63 36.93 -6.53
CA THR A 221 -3.77 36.05 -6.72
C THR A 221 -3.86 35.66 -8.19
N LEU A 222 -4.67 34.63 -8.45
CA LEU A 222 -4.84 34.13 -9.80
C LEU A 222 -5.74 35.02 -10.64
N SER A 223 -6.48 35.93 -10.02
CA SER A 223 -7.43 36.76 -10.74
C SER A 223 -7.65 38.04 -9.95
N GLY A 224 -7.50 39.18 -10.63
CA GLY A 224 -7.76 40.46 -10.02
C GLY A 224 -6.57 40.98 -9.25
N PRO A 225 -6.80 41.95 -8.36
CA PRO A 225 -5.70 42.60 -7.66
C PRO A 225 -5.20 41.72 -6.52
N PRO A 226 -3.95 41.93 -6.08
CA PRO A 226 -3.42 41.11 -4.99
C PRO A 226 -4.09 41.44 -3.67
N LEU A 227 -4.04 40.48 -2.76
CA LEU A 227 -4.60 40.65 -1.42
C LEU A 227 -3.52 41.20 -0.48
N THR A 228 -3.78 42.39 0.07
CA THR A 228 -2.89 42.99 1.05
C THR A 228 -3.56 43.20 2.40
N THR A 229 -4.89 43.25 2.46
CA THR A 229 -5.62 43.42 3.71
C THR A 229 -6.95 42.70 3.60
N LEU A 230 -7.35 42.03 4.69
CA LEU A 230 -8.65 41.36 4.76
C LEU A 230 -9.37 41.86 6.01
N ARG A 231 -10.49 42.56 5.80
CA ARG A 231 -11.29 43.09 6.89
C ARG A 231 -12.41 42.10 7.21
N GLY A 232 -12.48 41.66 8.47
CA GLY A 232 -13.49 40.73 8.92
C GLY A 232 -14.16 41.20 10.20
N ARG A 233 -15.04 40.34 10.71
CA ARG A 233 -15.80 40.61 11.91
C ARG A 233 -15.71 39.42 12.87
N TRP A 234 -15.96 39.69 14.14
CA TRP A 234 -15.92 38.67 15.18
C TRP A 234 -16.98 38.97 16.22
N SER A 235 -17.38 37.93 16.96
CA SER A 235 -18.32 38.09 18.05
C SER A 235 -18.36 36.80 18.86
N VAL A 236 -18.91 36.92 20.07
CA VAL A 236 -19.11 35.79 20.98
C VAL A 236 -20.61 35.65 21.18
N GLU A 237 -21.18 34.56 20.67
CA GLU A 237 -22.63 34.32 20.74
C GLU A 237 -22.89 32.93 21.29
N ARG A 238 -23.70 32.85 22.34
CA ARG A 238 -24.19 31.56 22.85
C ARG A 238 -23.03 30.62 23.15
N GLY A 239 -21.97 31.15 23.74
CA GLY A 239 -20.84 30.34 24.15
C GLY A 239 -19.90 29.93 23.04
N LEU A 240 -20.05 30.48 21.84
CA LEU A 240 -19.19 30.17 20.71
C LEU A 240 -18.52 31.45 20.21
N VAL A 241 -17.38 31.28 19.56
CA VAL A 241 -16.70 32.37 18.86
C VAL A 241 -16.93 32.19 17.37
N LEU A 242 -17.31 33.26 16.70
CA LEU A 242 -17.57 33.25 15.26
C LEU A 242 -16.79 34.37 14.61
N THR A 243 -16.12 34.06 13.50
CA THR A 243 -15.41 35.05 12.70
C THR A 243 -15.79 34.84 11.24
N ALA A 244 -15.68 35.92 10.45
CA ALA A 244 -16.01 35.81 9.05
C ALA A 244 -15.40 36.97 8.28
N ILE A 245 -14.95 36.66 7.06
CA ILE A 245 -14.42 37.65 6.13
C ILE A 245 -15.17 37.52 4.82
N VAL A 246 -15.57 38.66 4.25
CA VAL A 246 -16.32 38.70 2.99
C VAL A 246 -15.62 39.69 2.08
N LEU A 247 -14.98 39.19 1.04
CA LEU A 247 -14.25 40.03 0.10
C LEU A 247 -15.11 40.41 -1.09
N GLY B 24 10.38 2.29 -14.72
CA GLY B 24 9.45 2.65 -13.66
C GLY B 24 9.56 1.75 -12.45
N THR B 25 10.71 1.82 -11.77
CA THR B 25 10.91 0.97 -10.59
C THR B 25 11.80 1.62 -9.54
N LEU B 26 11.90 2.95 -9.49
CA LEU B 26 12.60 3.58 -8.38
C LEU B 26 11.91 3.26 -7.06
N VAL B 27 10.57 3.21 -7.06
CA VAL B 27 9.83 2.99 -5.83
C VAL B 27 9.96 1.54 -5.36
N ALA B 28 10.10 0.60 -6.30
CA ALA B 28 10.30 -0.79 -5.93
C ALA B 28 11.46 -0.96 -4.96
N SER B 29 12.45 -0.08 -5.04
CA SER B 29 13.61 -0.17 -4.14
C SER B 29 13.24 0.00 -2.67
N VAL B 30 12.10 0.63 -2.38
CA VAL B 30 11.72 0.91 -1.00
C VAL B 30 10.45 0.18 -0.59
N LEU B 31 10.07 -0.86 -1.33
CA LEU B 31 8.89 -1.66 -1.04
C LEU B 31 9.30 -3.09 -0.70
N PRO B 32 8.45 -3.83 0.03
CA PRO B 32 8.76 -5.24 0.34
C PRO B 32 8.30 -6.18 -0.76
N ALA B 33 9.24 -6.77 -1.50
CA ALA B 33 8.89 -7.60 -2.64
C ALA B 33 8.04 -8.80 -2.26
N THR B 34 8.13 -9.27 -1.00
CA THR B 34 7.36 -10.44 -0.59
C THR B 34 5.86 -10.16 -0.55
N VAL B 35 5.45 -8.89 -0.63
CA VAL B 35 4.04 -8.53 -0.64
C VAL B 35 3.53 -8.23 -2.05
N PHE B 36 4.38 -8.36 -3.06
CA PHE B 36 4.01 -7.92 -4.41
C PHE B 36 2.81 -8.66 -4.98
N GLU B 37 2.39 -9.78 -4.39
CA GLU B 37 1.17 -10.43 -4.83
C GLU B 37 -0.04 -9.53 -4.60
N ASP B 38 0.00 -8.70 -3.55
CA ASP B 38 -1.13 -7.89 -3.13
C ASP B 38 -0.79 -6.41 -3.11
N LEU B 39 0.26 -6.00 -3.83
CA LEU B 39 0.74 -4.63 -3.82
C LEU B 39 1.30 -4.32 -5.19
N ALA B 40 0.93 -3.17 -5.75
CA ALA B 40 1.36 -2.78 -7.09
C ALA B 40 1.70 -1.30 -7.10
N TYR B 41 2.42 -0.89 -8.14
CA TYR B 41 2.99 0.45 -8.20
C TYR B 41 3.17 0.86 -9.65
N ALA B 42 3.24 2.17 -9.85
CA ALA B 42 3.53 2.74 -11.16
C ALA B 42 4.03 4.16 -10.95
N GLU B 43 4.99 4.59 -11.77
CA GLU B 43 5.59 5.90 -11.61
C GLU B 43 5.92 6.47 -12.98
N LEU B 44 5.96 7.79 -13.04
CA LEU B 44 6.37 8.52 -14.24
C LEU B 44 7.28 9.67 -13.81
N TYR B 45 7.97 10.24 -14.79
CA TYR B 45 8.95 11.30 -14.54
C TYR B 45 8.60 12.58 -15.28
N SER B 46 7.40 12.65 -15.85
CA SER B 46 6.94 13.82 -16.59
C SER B 46 5.41 13.74 -16.63
N ASP B 47 4.80 14.74 -17.27
CA ASP B 47 3.35 14.79 -17.45
C ASP B 47 3.05 14.51 -18.92
N PRO B 48 2.78 13.26 -19.31
CA PRO B 48 2.63 12.97 -20.73
C PRO B 48 1.45 13.72 -21.30
N PRO B 49 1.52 14.15 -22.56
CA PRO B 49 0.44 14.95 -23.13
C PRO B 49 -0.82 14.14 -23.34
N GLY B 50 -1.96 14.81 -23.22
CA GLY B 50 -3.24 14.22 -23.55
C GLY B 50 -3.88 13.40 -22.45
N LEU B 51 -3.31 13.36 -21.25
CA LEU B 51 -4.00 12.76 -20.13
C LEU B 51 -5.15 13.67 -19.69
N THR B 52 -6.17 13.07 -19.10
CA THR B 52 -7.35 13.80 -18.66
C THR B 52 -7.81 13.22 -17.34
N PRO B 53 -8.55 13.99 -16.54
CA PRO B 53 -9.18 13.44 -15.35
C PRO B 53 -10.48 12.73 -15.70
N LEU B 54 -10.88 11.81 -14.83
CA LEU B 54 -12.19 11.21 -14.96
C LEU B 54 -13.25 12.29 -14.74
N PRO B 55 -14.46 12.09 -15.27
CA PRO B 55 -15.50 13.12 -15.13
C PRO B 55 -15.77 13.51 -13.68
N GLU B 56 -15.85 12.54 -12.77
CA GLU B 56 -16.08 12.87 -11.36
C GLU B 56 -14.89 13.58 -10.73
N GLU B 57 -13.70 13.47 -11.33
CA GLU B 57 -12.51 14.09 -10.77
C GLU B 57 -12.34 15.54 -11.19
N ALA B 58 -12.88 15.94 -12.34
CA ALA B 58 -12.65 17.28 -12.88
C ALA B 58 -12.99 18.41 -11.91
N PRO B 59 -14.13 18.38 -11.20
CA PRO B 59 -14.46 19.53 -10.34
C PRO B 59 -13.41 19.82 -9.28
N LEU B 60 -12.60 18.83 -8.90
CA LEU B 60 -11.59 19.05 -7.88
C LEU B 60 -10.45 19.94 -8.39
N ILE B 61 -10.18 19.93 -9.70
CA ILE B 61 -9.13 20.74 -10.27
C ILE B 61 -9.68 21.77 -11.24
N ALA B 62 -10.99 22.05 -11.15
CA ALA B 62 -11.62 23.01 -12.05
C ALA B 62 -11.03 24.39 -11.90
N ARG B 63 -10.62 24.77 -10.68
CA ARG B 63 -10.09 26.10 -10.41
C ARG B 63 -8.61 26.07 -10.03
N SER B 64 -7.89 25.02 -10.42
CA SER B 64 -6.51 24.82 -10.00
C SER B 64 -5.53 25.29 -11.07
N VAL B 65 -4.30 25.60 -10.62
CA VAL B 65 -3.27 26.07 -11.54
C VAL B 65 -2.76 24.90 -12.39
N ALA B 66 -2.08 25.24 -13.49
CA ALA B 66 -1.68 24.23 -14.46
C ALA B 66 -0.73 23.21 -13.85
N LYS B 67 0.20 23.66 -13.01
CA LYS B 67 1.12 22.74 -12.34
C LYS B 67 0.34 21.72 -11.51
N ARG B 68 -0.71 22.17 -10.84
CA ARG B 68 -1.50 21.28 -9.99
C ARG B 68 -2.35 20.33 -10.83
N ARG B 69 -2.99 20.85 -11.88
CA ARG B 69 -3.81 20.01 -12.74
C ARG B 69 -3.01 18.83 -13.28
N ASN B 70 -1.75 19.08 -13.68
CA ASN B 70 -0.96 18.04 -14.32
C ASN B 70 -0.50 16.99 -13.33
N GLU B 71 -0.04 17.41 -12.14
CA GLU B 71 0.41 16.44 -11.14
C GLU B 71 -0.76 15.62 -10.63
N PHE B 72 -1.92 16.25 -10.49
CA PHE B 72 -3.14 15.55 -10.10
C PHE B 72 -3.52 14.50 -11.14
N ILE B 73 -3.62 14.91 -12.41
CA ILE B 73 -4.01 14.00 -13.48
C ILE B 73 -3.01 12.87 -13.61
N THR B 74 -1.72 13.19 -13.65
CA THR B 74 -0.71 12.17 -13.92
C THR B 74 -0.64 11.15 -12.80
N VAL B 75 -0.69 11.59 -11.54
CA VAL B 75 -0.51 10.67 -10.43
C VAL B 75 -1.68 9.69 -10.36
N ARG B 76 -2.89 10.17 -10.68
CA ARG B 76 -4.05 9.28 -10.68
C ARG B 76 -4.02 8.36 -11.89
N HIS B 77 -3.35 8.75 -12.97
CA HIS B 77 -3.10 7.83 -14.06
C HIS B 77 -2.20 6.70 -13.59
N CYS B 78 -1.13 7.01 -12.86
CA CYS B 78 -0.26 5.98 -12.32
C CYS B 78 -1.02 5.09 -11.35
N ALA B 79 -1.82 5.70 -10.47
CA ALA B 79 -2.61 4.90 -9.51
C ALA B 79 -3.53 3.93 -10.23
N ARG B 80 -4.20 4.38 -11.28
CA ARG B 80 -5.14 3.52 -11.99
C ARG B 80 -4.42 2.40 -12.73
N ILE B 81 -3.19 2.66 -13.22
CA ILE B 81 -2.39 1.59 -13.79
C ILE B 81 -2.14 0.50 -12.76
N ALA B 82 -1.79 0.90 -11.53
CA ALA B 82 -1.42 -0.07 -10.51
C ALA B 82 -2.64 -0.77 -9.93
N LEU B 83 -3.75 -0.06 -9.78
CA LEU B 83 -4.99 -0.71 -9.38
C LEU B 83 -5.41 -1.74 -10.43
N ASP B 84 -5.25 -1.41 -11.70
CA ASP B 84 -5.59 -2.34 -12.77
C ASP B 84 -4.77 -3.62 -12.67
N GLN B 85 -3.49 -3.51 -12.28
CA GLN B 85 -2.69 -4.70 -12.08
C GLN B 85 -3.31 -5.63 -11.03
N LEU B 86 -4.03 -5.06 -10.06
CA LEU B 86 -4.65 -5.82 -8.99
C LEU B 86 -6.09 -6.23 -9.32
N GLY B 87 -6.56 -5.98 -10.53
CA GLY B 87 -7.89 -6.41 -10.92
C GLY B 87 -9.00 -5.45 -10.60
N VAL B 88 -8.70 -4.19 -10.29
CA VAL B 88 -9.69 -3.18 -9.95
C VAL B 88 -9.92 -2.31 -11.19
N PRO B 89 -11.16 -2.22 -11.70
CA PRO B 89 -11.38 -1.44 -12.91
C PRO B 89 -11.22 0.04 -12.65
N PRO B 90 -10.85 0.83 -13.66
CA PRO B 90 -10.70 2.27 -13.49
C PRO B 90 -11.84 2.90 -12.70
N ALA B 91 -11.51 3.83 -11.83
CA ALA B 91 -12.50 4.54 -11.02
C ALA B 91 -11.90 5.84 -10.52
N PRO B 92 -12.74 6.78 -10.07
CA PRO B 92 -12.21 8.08 -9.62
C PRO B 92 -11.53 7.98 -8.27
N ILE B 93 -10.57 8.87 -8.05
CA ILE B 93 -9.81 8.94 -6.80
C ILE B 93 -10.00 10.35 -6.25
N LEU B 94 -11.04 10.54 -5.44
CA LEU B 94 -11.34 11.84 -4.87
C LEU B 94 -10.48 12.09 -3.63
N LYS B 95 -10.64 13.26 -3.03
CA LYS B 95 -9.91 13.65 -1.82
C LYS B 95 -10.90 13.79 -0.67
N GLY B 96 -10.55 13.21 0.48
CA GLY B 96 -11.43 13.23 1.63
C GLY B 96 -10.84 13.89 2.87
N ASP B 97 -10.93 13.21 4.01
CA ASP B 97 -10.51 13.79 5.29
C ASP B 97 -9.08 14.34 5.19
N LYS B 98 -8.96 15.64 5.40
CA LYS B 98 -7.66 16.32 5.42
C LYS B 98 -6.86 16.03 4.15
N GLY B 99 -7.54 15.87 3.02
CA GLY B 99 -6.89 15.65 1.74
C GLY B 99 -6.56 14.23 1.39
N GLU B 100 -6.92 13.27 2.25
CA GLU B 100 -6.58 11.87 2.01
C GLU B 100 -7.28 11.35 0.77
N PRO B 101 -6.57 10.65 -0.12
CA PRO B 101 -7.23 10.13 -1.33
C PRO B 101 -8.22 9.02 -0.99
N CYS B 102 -9.32 8.99 -1.74
CA CYS B 102 -10.37 7.99 -1.55
C CYS B 102 -10.16 6.85 -2.53
N TRP B 103 -9.99 5.64 -2.00
CA TRP B 103 -9.68 4.47 -2.80
C TRP B 103 -10.92 3.62 -3.01
N PRO B 104 -10.91 2.74 -4.02
CA PRO B 104 -12.03 1.81 -4.20
C PRO B 104 -12.13 0.84 -3.04
N ASP B 105 -13.33 0.31 -2.85
CA ASP B 105 -13.58 -0.65 -1.78
C ASP B 105 -12.50 -1.72 -1.75
N GLY B 106 -11.96 -1.98 -0.56
CA GLY B 106 -11.00 -3.04 -0.38
C GLY B 106 -9.57 -2.69 -0.73
N MET B 107 -9.29 -1.45 -1.09
CA MET B 107 -7.95 -1.04 -1.47
C MET B 107 -7.46 0.09 -0.57
N VAL B 108 -6.15 0.17 -0.43
CA VAL B 108 -5.45 1.26 0.23
C VAL B 108 -4.36 1.74 -0.73
N GLY B 109 -3.74 2.86 -0.41
CA GLY B 109 -2.64 3.32 -1.25
C GLY B 109 -2.12 4.67 -0.80
N SER B 110 -1.18 5.18 -1.58
CA SER B 110 -0.57 6.48 -1.32
C SER B 110 -0.07 7.07 -2.63
N LEU B 111 -0.08 8.38 -2.71
CA LEU B 111 0.37 9.11 -3.89
C LEU B 111 1.40 10.14 -3.49
N THR B 112 2.23 10.53 -4.45
CA THR B 112 3.21 11.57 -4.22
C THR B 112 3.63 12.15 -5.56
N HIS B 113 3.84 13.46 -5.61
CA HIS B 113 4.31 14.11 -6.82
C HIS B 113 5.25 15.25 -6.45
N CYS B 114 6.41 15.29 -7.12
CA CYS B 114 7.39 16.34 -6.96
C CYS B 114 8.02 16.62 -8.32
N ALA B 115 8.98 17.54 -8.35
CA ALA B 115 9.65 17.87 -9.60
C ALA B 115 10.29 16.62 -10.19
N GLY B 116 9.83 16.22 -11.37
CA GLY B 116 10.38 15.07 -12.05
C GLY B 116 9.90 13.73 -11.56
N TYR B 117 8.82 13.67 -10.79
CA TYR B 117 8.33 12.37 -10.32
C TYR B 117 6.85 12.44 -9.97
N ARG B 118 6.11 11.42 -10.41
CA ARG B 118 4.76 11.13 -9.94
C ARG B 118 4.70 9.63 -9.66
N GLY B 119 4.19 9.26 -8.48
CA GLY B 119 4.18 7.87 -8.09
C GLY B 119 2.95 7.44 -7.31
N ALA B 120 2.49 6.21 -7.56
CA ALA B 120 1.39 5.63 -6.82
C ALA B 120 1.74 4.21 -6.41
N VAL B 121 1.27 3.83 -5.22
CA VAL B 121 1.42 2.47 -4.68
C VAL B 121 0.09 2.08 -4.06
N VAL B 122 -0.46 0.95 -4.48
CA VAL B 122 -1.75 0.48 -3.98
C VAL B 122 -1.64 -0.97 -3.53
N GLY B 123 -2.51 -1.36 -2.62
CA GLY B 123 -2.49 -2.69 -2.06
C GLY B 123 -3.86 -3.15 -1.61
N ARG B 124 -4.06 -4.46 -1.66
CA ARG B 124 -5.31 -5.05 -1.18
C ARG B 124 -5.40 -4.92 0.34
N ARG B 125 -6.51 -4.35 0.81
CA ARG B 125 -6.61 -4.01 2.22
C ARG B 125 -6.59 -5.24 3.11
N ASP B 126 -7.05 -6.39 2.61
CA ASP B 126 -7.06 -7.59 3.44
C ASP B 126 -5.66 -8.06 3.78
N ALA B 127 -4.68 -7.76 2.92
CA ALA B 127 -3.30 -8.11 3.18
C ALA B 127 -2.41 -6.92 3.51
N VAL B 128 -2.81 -5.70 3.15
CA VAL B 128 -2.03 -4.51 3.39
C VAL B 128 -2.88 -3.54 4.20
N ARG B 129 -2.40 -3.20 5.40
CA ARG B 129 -3.18 -2.37 6.30
C ARG B 129 -3.11 -0.90 5.91
N SER B 130 -1.95 -0.42 5.45
CA SER B 130 -1.83 0.97 5.04
C SER B 130 -0.56 1.16 4.23
N VAL B 131 -0.54 2.23 3.44
CA VAL B 131 0.59 2.57 2.58
C VAL B 131 0.88 4.05 2.76
N GLY B 132 2.17 4.39 2.87
CA GLY B 132 2.62 5.77 2.83
C GLY B 132 3.89 5.93 2.03
N ILE B 133 3.92 6.86 1.07
CA ILE B 133 5.09 7.08 0.23
C ILE B 133 5.35 8.58 0.10
N ASP B 134 6.58 8.91 -0.28
CA ASP B 134 6.95 10.29 -0.54
C ASP B 134 8.15 10.31 -1.47
N ALA B 135 8.22 11.35 -2.29
CA ALA B 135 9.36 11.58 -3.19
C ALA B 135 9.76 13.05 -3.12
N GLU B 136 11.07 13.28 -3.04
CA GLU B 136 11.63 14.62 -3.05
C GLU B 136 12.90 14.63 -3.87
N PRO B 137 13.24 15.75 -4.51
CA PRO B 137 14.56 15.89 -5.11
C PRO B 137 15.65 15.80 -4.05
N HIS B 138 16.74 15.12 -4.38
CA HIS B 138 17.84 14.93 -3.44
C HIS B 138 18.68 16.21 -3.40
N ASP B 139 18.19 17.18 -2.64
CA ASP B 139 18.83 18.48 -2.50
C ASP B 139 18.74 18.92 -1.05
N VAL B 140 19.50 19.97 -0.71
CA VAL B 140 19.44 20.52 0.64
C VAL B 140 18.04 21.05 0.90
N LEU B 141 17.58 20.90 2.13
CA LEU B 141 16.37 21.59 2.55
C LEU B 141 16.60 23.10 2.51
N PRO B 142 15.56 23.88 2.21
CA PRO B 142 15.69 25.33 2.36
C PRO B 142 15.87 25.71 3.83
N ASN B 143 16.53 26.85 4.05
CA ASN B 143 16.87 27.27 5.40
C ASN B 143 15.64 27.29 6.29
N GLY B 144 15.84 26.93 7.57
CA GLY B 144 14.78 26.93 8.56
C GLY B 144 13.95 25.66 8.59
N VAL B 145 13.76 25.01 7.44
CA VAL B 145 12.87 23.87 7.38
C VAL B 145 13.34 22.76 8.32
N LEU B 146 14.65 22.50 8.34
CA LEU B 146 15.17 21.39 9.11
C LEU B 146 14.78 21.51 10.59
N ASP B 147 15.13 22.63 11.21
CA ASP B 147 14.87 22.79 12.63
C ASP B 147 13.38 22.76 12.96
N ALA B 148 12.51 23.02 11.98
CA ALA B 148 11.08 22.98 12.22
C ALA B 148 10.48 21.59 12.04
N ILE B 149 11.18 20.69 11.34
CA ILE B 149 10.63 19.38 11.00
C ILE B 149 11.34 18.24 11.73
N SER B 150 12.16 18.54 12.73
CA SER B 150 12.92 17.49 13.38
C SER B 150 13.14 17.81 14.86
N LEU B 151 13.29 16.75 15.64
CA LEU B 151 13.67 16.85 17.04
C LEU B 151 15.19 16.95 17.16
N PRO B 152 15.70 17.48 18.28
CA PRO B 152 17.16 17.63 18.41
C PRO B 152 17.91 16.31 18.38
N ALA B 153 17.30 15.21 18.86
CA ALA B 153 18.01 13.93 18.87
C ALA B 153 18.03 13.29 17.50
N GLU B 154 16.94 13.45 16.72
CA GLU B 154 16.95 13.02 15.32
C GLU B 154 18.13 13.63 14.58
N ARG B 155 18.27 14.96 14.65
CA ARG B 155 19.34 15.64 13.94
C ARG B 155 20.72 15.13 14.38
N ALA B 156 20.85 14.68 15.62
CA ALA B 156 22.15 14.31 16.14
C ALA B 156 22.58 12.92 15.71
N ASP B 157 21.62 12.00 15.60
CA ASP B 157 21.95 10.59 15.36
C ASP B 157 22.20 10.28 13.88
N MET B 158 21.69 11.11 12.98
CA MET B 158 21.69 10.75 11.56
C MET B 158 23.09 10.74 10.96
N PRO B 159 23.97 11.70 11.27
CA PRO B 159 25.34 11.62 10.75
C PRO B 159 26.08 10.36 11.17
N ARG B 160 25.68 9.72 12.26
CA ARG B 160 26.33 8.48 12.66
C ARG B 160 25.92 7.32 11.76
N THR B 161 24.74 7.39 11.14
CA THR B 161 24.19 6.29 10.37
C THR B 161 24.22 6.50 8.87
N MET B 162 24.50 7.71 8.39
CA MET B 162 24.38 8.05 6.99
C MET B 162 25.71 8.52 6.43
N PRO B 163 26.01 8.22 5.16
CA PRO B 163 27.23 8.78 4.54
C PRO B 163 27.12 10.28 4.35
N ALA B 164 28.25 10.97 4.53
CA ALA B 164 28.27 12.42 4.44
C ALA B 164 27.80 12.94 3.08
N ALA B 165 27.93 12.13 2.03
CA ALA B 165 27.47 12.56 0.72
C ALA B 165 25.96 12.70 0.64
N LEU B 166 25.23 12.23 1.65
CA LEU B 166 23.77 12.24 1.61
C LEU B 166 23.22 13.51 2.26
N HIS B 167 22.22 14.10 1.60
CA HIS B 167 21.43 15.20 2.17
C HIS B 167 20.43 14.60 3.15
N TRP B 168 20.93 14.22 4.33
CA TRP B 168 20.07 13.52 5.27
C TRP B 168 18.98 14.42 5.84
N ASP B 169 19.14 15.75 5.76
CA ASP B 169 18.06 16.64 6.12
C ASP B 169 16.84 16.40 5.24
N ARG B 170 17.04 16.38 3.92
CA ARG B 170 15.94 16.08 3.01
C ARG B 170 15.37 14.69 3.25
N ILE B 171 16.24 13.71 3.52
CA ILE B 171 15.78 12.34 3.70
C ILE B 171 14.91 12.21 4.93
N LEU B 172 15.33 12.84 6.04
CA LEU B 172 14.48 12.91 7.21
C LEU B 172 13.11 13.46 6.86
N PHE B 173 13.08 14.49 5.99
CA PHE B 173 11.82 15.14 5.65
C PHE B 173 10.88 14.16 4.93
N CYS B 174 11.39 13.45 3.92
CA CYS B 174 10.54 12.50 3.21
C CYS B 174 10.02 11.43 4.15
N ALA B 175 10.88 10.91 5.03
CA ALA B 175 10.45 9.83 5.91
C ALA B 175 9.37 10.29 6.87
N LYS B 176 9.46 11.54 7.33
CA LYS B 176 8.37 12.12 8.11
C LYS B 176 7.07 12.14 7.31
N GLU B 177 7.15 12.59 6.06
CA GLU B 177 5.95 12.70 5.23
C GLU B 177 5.33 11.34 4.96
N ALA B 178 6.16 10.36 4.62
CA ALA B 178 5.63 9.02 4.36
C ALA B 178 4.98 8.45 5.60
N THR B 179 5.56 8.71 6.78
CA THR B 179 4.98 8.23 8.03
C THR B 179 3.60 8.81 8.24
N TYR B 180 3.45 10.12 8.08
CA TYR B 180 2.14 10.74 8.24
C TYR B 180 1.12 10.14 7.29
N LYS B 181 1.52 9.88 6.05
CA LYS B 181 0.57 9.39 5.05
C LYS B 181 0.08 7.99 5.37
N ALA B 182 0.94 7.14 5.92
CA ALA B 182 0.50 5.81 6.33
C ALA B 182 -0.25 5.86 7.65
N TRP B 183 0.04 6.87 8.48
CA TRP B 183 -0.56 6.97 9.81
C TRP B 183 -2.00 7.46 9.75
N PHE B 184 -2.27 8.46 8.91
CA PHE B 184 -3.55 9.16 9.01
C PHE B 184 -4.75 8.29 8.66
N PRO B 185 -4.76 7.52 7.57
CA PRO B 185 -5.96 6.73 7.26
C PRO B 185 -6.34 5.76 8.38
N LEU B 186 -5.40 5.42 9.26
CA LEU B 186 -5.65 4.47 10.34
C LEU B 186 -6.12 5.16 11.62
N THR B 187 -5.70 6.40 11.85
CA THR B 187 -6.02 7.11 13.07
C THR B 187 -6.92 8.33 12.86
N LYS B 188 -6.89 8.92 11.67
CA LYS B 188 -7.65 10.13 11.36
C LYS B 188 -7.31 11.25 12.33
N ARG B 189 -6.06 11.30 12.78
CA ARG B 189 -5.60 12.33 13.69
C ARG B 189 -4.32 12.95 13.16
N TRP B 190 -4.00 14.13 13.66
CA TRP B 190 -2.84 14.88 13.21
C TRP B 190 -1.57 14.29 13.80
N LEU B 191 -0.53 14.27 12.99
CA LEU B 191 0.81 13.84 13.42
C LEU B 191 1.78 14.95 13.03
N GLY B 192 2.29 15.67 14.02
CA GLY B 192 3.26 16.72 13.75
C GLY B 192 4.67 16.19 13.63
N PHE B 193 5.57 17.06 13.17
CA PHE B 193 6.95 16.66 12.95
C PHE B 193 7.69 16.35 14.25
N GLU B 194 7.18 16.83 15.37
CA GLU B 194 7.74 16.54 16.69
C GLU B 194 7.00 15.41 17.39
N ASP B 195 6.06 14.77 16.70
CA ASP B 195 5.27 13.67 17.26
C ASP B 195 5.82 12.30 16.91
N ALA B 196 6.87 12.23 16.09
CA ALA B 196 7.48 10.96 15.72
C ALA B 196 8.99 11.12 15.67
N HIS B 197 9.69 10.14 16.23
CA HIS B 197 11.14 10.09 16.24
C HIS B 197 11.57 8.98 15.29
N ILE B 198 12.31 9.36 14.24
CA ILE B 198 12.76 8.42 13.22
C ILE B 198 14.26 8.24 13.33
N THR B 199 14.70 6.99 13.32
CA THR B 199 16.11 6.64 13.24
C THR B 199 16.35 5.81 11.98
N PHE B 200 17.54 5.98 11.41
CA PHE B 200 17.89 5.41 10.12
C PHE B 200 19.04 4.42 10.25
N GLU B 201 19.11 3.52 9.27
CA GLU B 201 20.29 2.71 9.00
C GLU B 201 20.58 2.77 7.51
N THR B 202 21.81 2.45 7.14
CA THR B 202 22.24 2.50 5.76
C THR B 202 22.79 1.15 5.34
N ASP B 203 22.25 0.60 4.26
CA ASP B 203 22.83 -0.61 3.67
C ASP B 203 24.29 -0.36 3.30
N SER B 204 25.07 -1.44 3.28
CA SER B 204 26.48 -1.31 2.94
C SER B 204 26.68 -0.77 1.53
N THR B 205 25.67 -0.88 0.66
CA THR B 205 25.78 -0.32 -0.68
C THR B 205 25.88 1.21 -0.64
N GLY B 206 25.47 1.84 0.46
CA GLY B 206 25.78 3.23 0.74
C GLY B 206 24.60 4.19 0.59
N TRP B 207 23.68 3.91 -0.35
CA TRP B 207 22.67 4.90 -0.72
C TRP B 207 21.25 4.37 -0.62
N THR B 208 21.02 3.32 0.17
CA THR B 208 19.69 2.84 0.50
C THR B 208 19.72 2.34 1.93
N GLY B 209 18.55 2.11 2.50
CA GLY B 209 18.51 1.58 3.85
C GLY B 209 17.11 1.62 4.43
N ARG B 210 17.07 1.43 5.74
CA ARG B 210 15.84 1.34 6.51
C ARG B 210 15.68 2.56 7.39
N PHE B 211 14.44 2.82 7.79
CA PHE B 211 14.16 3.79 8.83
C PHE B 211 12.98 3.27 9.64
N VAL B 212 12.91 3.70 10.89
CA VAL B 212 11.85 3.28 11.80
C VAL B 212 11.31 4.52 12.51
N SER B 213 9.99 4.67 12.50
CA SER B 213 9.32 5.79 13.12
C SER B 213 8.71 5.34 14.44
N ARG B 214 9.14 5.94 15.53
CA ARG B 214 8.54 5.66 16.84
C ARG B 214 7.53 6.76 17.13
N ILE B 215 6.27 6.37 17.31
CA ILE B 215 5.23 7.34 17.60
C ILE B 215 5.32 7.74 19.07
N LEU B 216 5.37 9.04 19.33
CA LEU B 216 5.51 9.55 20.69
C LEU B 216 4.18 9.91 21.32
N ILE B 217 3.14 10.13 20.51
CA ILE B 217 1.81 10.45 21.02
C ILE B 217 0.99 9.18 21.16
N ASP B 218 -0.28 9.33 21.50
CA ASP B 218 -1.21 8.21 21.56
C ASP B 218 -1.44 7.64 20.16
N GLY B 219 -1.52 6.31 20.08
CA GLY B 219 -1.58 5.63 18.80
C GLY B 219 -2.86 4.88 18.48
N SER B 220 -3.95 5.17 19.19
CA SER B 220 -5.22 4.48 18.94
C SER B 220 -5.61 4.57 17.47
N THR B 221 -6.09 3.45 16.92
CA THR B 221 -6.54 3.38 15.55
C THR B 221 -8.02 3.06 15.50
N LEU B 222 -8.68 3.46 14.41
CA LEU B 222 -10.09 3.17 14.24
C LEU B 222 -10.37 1.68 14.31
N SER B 223 -9.40 0.86 13.96
CA SER B 223 -9.56 -0.59 13.97
C SER B 223 -8.20 -1.24 14.16
N GLY B 224 -8.18 -2.33 14.92
CA GLY B 224 -6.98 -3.09 15.11
C GLY B 224 -6.09 -2.55 16.22
N PRO B 225 -4.84 -2.98 16.24
CA PRO B 225 -3.93 -2.59 17.33
C PRO B 225 -3.48 -1.14 17.19
N PRO B 226 -2.96 -0.54 18.25
CA PRO B 226 -2.47 0.83 18.16
C PRO B 226 -1.14 0.91 17.43
N LEU B 227 -0.87 2.07 16.85
CA LEU B 227 0.35 2.33 16.10
C LEU B 227 1.41 2.91 17.02
N THR B 228 2.47 2.14 17.25
CA THR B 228 3.61 2.56 18.04
C THR B 228 4.86 2.80 17.20
N THR B 229 5.11 1.92 16.22
CA THR B 229 6.30 1.97 15.40
C THR B 229 5.92 1.71 13.95
N LEU B 230 6.48 2.49 13.03
CA LEU B 230 6.29 2.27 11.61
C LEU B 230 7.66 2.11 10.94
N ARG B 231 7.89 0.97 10.30
CA ARG B 231 9.15 0.69 9.63
C ARG B 231 9.00 0.91 8.12
N GLY B 232 9.96 1.65 7.55
CA GLY B 232 9.94 1.91 6.13
C GLY B 232 11.31 1.73 5.53
N ARG B 233 11.46 2.08 4.26
CA ARG B 233 12.75 2.03 3.59
C ARG B 233 12.95 3.33 2.83
N TRP B 234 14.22 3.66 2.61
CA TRP B 234 14.58 4.87 1.90
C TRP B 234 15.63 4.54 0.86
N SER B 235 15.73 5.40 -0.16
CA SER B 235 16.61 5.17 -1.28
C SER B 235 16.90 6.50 -1.95
N VAL B 236 18.18 6.77 -2.23
CA VAL B 236 18.59 7.92 -3.02
C VAL B 236 19.04 7.37 -4.37
N GLU B 237 18.30 7.70 -5.43
CA GLU B 237 18.64 7.24 -6.76
C GLU B 237 18.12 8.24 -7.79
N ARG B 238 18.90 8.46 -8.84
CA ARG B 238 18.49 9.28 -9.97
C ARG B 238 18.15 10.70 -9.53
N GLY B 239 18.91 11.23 -8.58
CA GLY B 239 18.66 12.57 -8.09
C GLY B 239 17.40 12.73 -7.28
N LEU B 240 16.82 11.63 -6.80
CA LEU B 240 15.55 11.66 -6.09
C LEU B 240 15.66 10.88 -4.80
N VAL B 241 14.92 11.34 -3.79
CA VAL B 241 14.73 10.61 -2.54
C VAL B 241 13.37 9.94 -2.57
N LEU B 242 13.33 8.66 -2.25
CA LEU B 242 12.09 7.88 -2.19
C LEU B 242 11.98 7.23 -0.82
N THR B 243 10.80 7.32 -0.23
CA THR B 243 10.50 6.65 1.03
C THR B 243 9.17 5.92 0.89
N ALA B 244 9.01 4.84 1.64
CA ALA B 244 7.76 4.10 1.59
C ALA B 244 7.60 3.28 2.87
N ILE B 245 6.37 3.24 3.37
CA ILE B 245 5.98 2.44 4.52
C ILE B 245 4.80 1.58 4.12
N VAL B 246 4.88 0.28 4.39
CA VAL B 246 3.84 -0.67 4.03
C VAL B 246 3.48 -1.44 5.29
N LEU B 247 2.29 -1.21 5.81
CA LEU B 247 1.87 -1.85 7.06
C LEU B 247 1.11 -3.15 6.79
N GLY C 24 -17.13 -4.28 -30.01
CA GLY C 24 -15.80 -4.13 -29.48
C GLY C 24 -14.98 -5.40 -29.61
N THR C 25 -13.67 -5.25 -29.75
CA THR C 25 -12.81 -6.40 -29.98
C THR C 25 -12.83 -7.33 -28.77
N LEU C 26 -12.55 -8.61 -29.02
CA LEU C 26 -12.53 -9.59 -27.95
C LEU C 26 -11.21 -9.59 -27.18
N VAL C 27 -10.10 -9.27 -27.84
CA VAL C 27 -8.82 -9.33 -27.16
C VAL C 27 -8.59 -8.11 -26.28
N ALA C 28 -9.29 -7.00 -26.53
CA ALA C 28 -9.18 -5.84 -25.65
C ALA C 28 -9.61 -6.20 -24.23
N SER C 29 -10.48 -7.18 -24.08
CA SER C 29 -10.97 -7.56 -22.75
C SER C 29 -9.88 -8.21 -21.89
N VAL C 30 -8.79 -8.68 -22.49
CA VAL C 30 -7.72 -9.33 -21.75
C VAL C 30 -6.41 -8.56 -21.88
N LEU C 31 -6.47 -7.29 -22.30
CA LEU C 31 -5.32 -6.40 -22.30
C LEU C 31 -5.52 -5.29 -21.28
N PRO C 32 -4.44 -4.65 -20.82
CA PRO C 32 -4.58 -3.60 -19.82
C PRO C 32 -5.58 -2.54 -20.24
N ALA C 33 -6.25 -1.97 -19.26
CA ALA C 33 -7.21 -0.90 -19.50
C ALA C 33 -6.55 0.48 -19.62
N THR C 34 -5.22 0.56 -19.65
CA THR C 34 -4.57 1.87 -19.64
C THR C 34 -3.29 2.00 -20.47
N VAL C 35 -2.72 0.94 -21.02
CA VAL C 35 -1.54 1.07 -21.88
C VAL C 35 -2.02 1.20 -23.32
N PHE C 36 -1.72 2.36 -23.94
CA PHE C 36 -2.19 2.60 -25.30
C PHE C 36 -1.20 3.35 -26.18
N GLU C 37 0.06 3.51 -25.78
CA GLU C 37 1.06 4.13 -26.65
C GLU C 37 1.92 3.11 -27.39
N ASP C 38 2.37 2.05 -26.71
CA ASP C 38 3.28 1.07 -27.26
C ASP C 38 2.67 -0.32 -27.35
N LEU C 39 1.35 -0.39 -27.52
CA LEU C 39 0.63 -1.65 -27.60
C LEU C 39 -0.51 -1.49 -28.59
N ALA C 40 -0.62 -2.43 -29.53
CA ALA C 40 -1.65 -2.39 -30.56
C ALA C 40 -2.12 -3.80 -30.86
N TYR C 41 -3.35 -3.91 -31.36
CA TYR C 41 -3.95 -5.21 -31.59
C TYR C 41 -4.92 -5.15 -32.76
N ALA C 42 -5.18 -6.32 -33.34
CA ALA C 42 -6.13 -6.46 -34.44
C ALA C 42 -6.59 -7.91 -34.48
N GLU C 43 -7.87 -8.12 -34.78
CA GLU C 43 -8.45 -9.45 -34.78
C GLU C 43 -9.48 -9.57 -35.89
N LEU C 44 -9.76 -10.80 -36.30
CA LEU C 44 -10.78 -11.10 -37.28
C LEU C 44 -11.47 -12.39 -36.90
N TYR C 45 -12.65 -12.62 -37.51
CA TYR C 45 -13.47 -13.78 -37.22
C TYR C 45 -13.66 -14.67 -38.44
N SER C 46 -13.10 -14.29 -39.58
CA SER C 46 -13.11 -15.10 -40.79
C SER C 46 -11.90 -14.69 -41.61
N ASP C 47 -11.78 -15.24 -42.81
CA ASP C 47 -10.64 -14.97 -43.68
C ASP C 47 -11.08 -14.04 -44.82
N PRO C 48 -10.68 -12.76 -44.80
CA PRO C 48 -11.17 -11.85 -45.83
C PRO C 48 -10.66 -12.26 -47.21
N PRO C 49 -11.42 -12.01 -48.27
CA PRO C 49 -11.02 -12.49 -49.59
C PRO C 49 -9.79 -11.75 -50.13
N GLY C 50 -9.02 -12.47 -50.94
CA GLY C 50 -7.95 -11.85 -51.70
C GLY C 50 -6.71 -11.48 -50.92
N LEU C 51 -6.50 -12.07 -49.75
CA LEU C 51 -5.27 -11.83 -49.01
C LEU C 51 -4.17 -12.75 -49.52
N THR C 52 -2.95 -12.22 -49.58
CA THR C 52 -1.79 -12.96 -50.01
C THR C 52 -0.73 -12.97 -48.91
N PRO C 53 0.13 -13.98 -48.88
CA PRO C 53 1.32 -13.88 -48.04
C PRO C 53 2.34 -12.96 -48.69
N LEU C 54 3.16 -12.34 -47.86
CA LEU C 54 4.29 -11.62 -48.42
C LEU C 54 5.21 -12.60 -49.14
N PRO C 55 5.98 -12.13 -50.13
CA PRO C 55 6.82 -13.07 -50.90
C PRO C 55 7.74 -13.92 -50.04
N GLU C 56 8.41 -13.33 -49.05
CA GLU C 56 9.30 -14.10 -48.19
C GLU C 56 8.54 -15.10 -47.33
N GLU C 57 7.24 -14.90 -47.14
CA GLU C 57 6.45 -15.82 -46.32
C GLU C 57 5.96 -17.03 -47.10
N ALA C 58 5.81 -16.89 -48.42
CA ALA C 58 5.14 -17.93 -49.22
C ALA C 58 5.76 -19.30 -49.05
N PRO C 59 7.08 -19.48 -49.09
CA PRO C 59 7.64 -20.84 -48.95
C PRO C 59 7.20 -21.55 -47.68
N LEU C 60 6.81 -20.81 -46.63
CA LEU C 60 6.47 -21.46 -45.37
C LEU C 60 5.19 -22.27 -45.44
N ILE C 61 4.30 -21.96 -46.38
CA ILE C 61 3.00 -22.62 -46.47
C ILE C 61 2.80 -23.16 -47.87
N ALA C 62 3.89 -23.31 -48.63
CA ALA C 62 3.79 -23.73 -50.01
C ALA C 62 3.13 -25.10 -50.14
N ARG C 63 3.43 -26.01 -49.21
CA ARG C 63 2.87 -27.35 -49.21
C ARG C 63 1.88 -27.57 -48.06
N SER C 64 1.31 -26.50 -47.52
CA SER C 64 0.39 -26.61 -46.41
C SER C 64 -1.04 -26.75 -46.90
N VAL C 65 -1.87 -27.34 -46.05
CA VAL C 65 -3.28 -27.52 -46.40
C VAL C 65 -4.01 -26.19 -46.29
N ALA C 66 -5.16 -26.11 -46.99
CA ALA C 66 -5.87 -24.84 -47.12
C ALA C 66 -6.13 -24.19 -45.77
N LYS C 67 -6.56 -24.99 -44.78
CA LYS C 67 -6.91 -24.42 -43.48
C LYS C 67 -5.70 -23.73 -42.84
N ARG C 68 -4.55 -24.41 -42.85
CA ARG C 68 -3.34 -23.81 -42.31
C ARG C 68 -2.94 -22.59 -43.12
N ARG C 69 -3.12 -22.63 -44.44
CA ARG C 69 -2.78 -21.47 -45.27
C ARG C 69 -3.61 -20.26 -44.89
N ASN C 70 -4.91 -20.44 -44.70
CA ASN C 70 -5.79 -19.31 -44.45
C ASN C 70 -5.53 -18.68 -43.10
N GLU C 71 -5.38 -19.51 -42.06
CA GLU C 71 -5.10 -18.98 -40.73
C GLU C 71 -3.73 -18.33 -40.68
N PHE C 72 -2.77 -18.86 -41.45
CA PHE C 72 -1.45 -18.27 -41.56
C PHE C 72 -1.52 -16.88 -42.18
N ILE C 73 -2.26 -16.75 -43.28
CA ILE C 73 -2.30 -15.51 -44.03
C ILE C 73 -3.09 -14.45 -43.27
N THR C 74 -4.23 -14.83 -42.70
CA THR C 74 -5.10 -13.84 -42.05
C THR C 74 -4.47 -13.29 -40.78
N VAL C 75 -3.88 -14.16 -39.96
CA VAL C 75 -3.33 -13.69 -38.69
C VAL C 75 -2.15 -12.76 -38.92
N ARG C 76 -1.44 -12.94 -40.04
CA ARG C 76 -0.35 -12.03 -40.37
C ARG C 76 -0.88 -10.75 -40.98
N HIS C 77 -2.02 -10.82 -41.67
CA HIS C 77 -2.70 -9.59 -42.07
C HIS C 77 -3.03 -8.74 -40.86
N CYS C 78 -3.50 -9.37 -39.78
CA CYS C 78 -3.81 -8.62 -38.56
C CYS C 78 -2.56 -8.07 -37.92
N ALA C 79 -1.53 -8.91 -37.76
CA ALA C 79 -0.28 -8.45 -37.16
C ALA C 79 0.27 -7.23 -37.87
N ARG C 80 0.15 -7.19 -39.20
CA ARG C 80 0.67 -6.06 -39.96
C ARG C 80 -0.20 -4.82 -39.81
N ILE C 81 -1.51 -4.99 -39.58
CA ILE C 81 -2.35 -3.83 -39.27
C ILE C 81 -1.90 -3.21 -37.95
N ALA C 82 -1.78 -4.03 -36.90
CA ALA C 82 -1.32 -3.54 -35.61
C ALA C 82 0.03 -2.86 -35.74
N LEU C 83 0.98 -3.53 -36.39
CA LEU C 83 2.31 -2.95 -36.55
C LEU C 83 2.25 -1.60 -37.26
N ASP C 84 1.39 -1.49 -38.29
CA ASP C 84 1.24 -0.20 -38.97
C ASP C 84 0.71 0.87 -38.03
N GLN C 85 -0.14 0.48 -37.08
CA GLN C 85 -0.66 1.45 -36.11
C GLN C 85 0.47 2.00 -35.24
N LEU C 86 1.54 1.24 -35.04
CA LEU C 86 2.70 1.70 -34.29
C LEU C 86 3.76 2.33 -35.19
N GLY C 87 3.48 2.49 -36.49
CA GLY C 87 4.45 3.08 -37.39
C GLY C 87 5.51 2.13 -37.90
N VAL C 88 5.23 0.84 -37.92
CA VAL C 88 6.18 -0.18 -38.36
C VAL C 88 5.81 -0.60 -39.77
N PRO C 89 6.67 -0.39 -40.78
CA PRO C 89 6.29 -0.73 -42.14
C PRO C 89 6.10 -2.22 -42.31
N PRO C 90 5.22 -2.65 -43.22
CA PRO C 90 5.00 -4.08 -43.44
C PRO C 90 6.30 -4.85 -43.63
N ALA C 91 6.39 -6.02 -42.99
CA ALA C 91 7.56 -6.88 -43.07
C ALA C 91 7.12 -8.33 -42.98
N PRO C 92 7.90 -9.26 -43.53
CA PRO C 92 7.61 -10.69 -43.32
C PRO C 92 7.63 -11.06 -41.85
N ILE C 93 6.83 -12.05 -41.49
CA ILE C 93 6.78 -12.60 -40.13
C ILE C 93 7.10 -14.08 -40.24
N LEU C 94 8.39 -14.42 -40.18
CA LEU C 94 8.82 -15.80 -40.33
C LEU C 94 8.74 -16.51 -38.98
N LYS C 95 9.11 -17.79 -38.98
CA LYS C 95 9.03 -18.65 -37.80
C LYS C 95 10.43 -19.11 -37.43
N GLY C 96 10.82 -18.90 -36.18
CA GLY C 96 12.15 -19.25 -35.71
C GLY C 96 12.19 -20.38 -34.71
N ASP C 97 12.90 -20.18 -33.59
CA ASP C 97 13.10 -21.25 -32.63
C ASP C 97 11.75 -21.79 -32.14
N LYS C 98 11.60 -23.12 -32.22
CA LYS C 98 10.37 -23.81 -31.82
C LYS C 98 9.11 -23.12 -32.34
N GLY C 99 9.18 -22.63 -33.58
CA GLY C 99 8.03 -22.02 -34.21
C GLY C 99 7.76 -20.57 -33.85
N GLU C 100 8.61 -19.96 -33.03
CA GLU C 100 8.32 -18.62 -32.53
C GLU C 100 8.30 -17.61 -33.68
N PRO C 101 7.32 -16.68 -33.69
CA PRO C 101 7.31 -15.67 -34.76
C PRO C 101 8.48 -14.72 -34.65
N CYS C 102 8.99 -14.30 -35.80
CA CYS C 102 10.11 -13.36 -35.88
C CYS C 102 9.56 -11.97 -36.17
N TRP C 103 9.80 -11.03 -35.27
CA TRP C 103 9.18 -9.73 -35.31
C TRP C 103 10.11 -8.67 -35.87
N PRO C 104 9.56 -7.56 -36.36
CA PRO C 104 10.41 -6.45 -36.79
C PRO C 104 11.29 -5.95 -35.64
N ASP C 105 12.31 -5.19 -36.00
CA ASP C 105 13.30 -4.75 -35.03
C ASP C 105 12.65 -3.87 -33.96
N GLY C 106 12.91 -4.22 -32.70
CA GLY C 106 12.40 -3.46 -31.57
C GLY C 106 11.00 -3.82 -31.12
N MET C 107 10.39 -4.86 -31.70
CA MET C 107 9.02 -5.20 -31.43
C MET C 107 8.92 -6.63 -30.90
N VAL C 108 7.93 -6.85 -30.04
CA VAL C 108 7.53 -8.17 -29.59
C VAL C 108 6.05 -8.35 -29.97
N GLY C 109 5.57 -9.58 -29.87
CA GLY C 109 4.18 -9.82 -30.19
C GLY C 109 3.81 -11.28 -30.03
N SER C 110 2.55 -11.57 -30.31
CA SER C 110 2.02 -12.92 -30.21
C SER C 110 0.83 -13.07 -31.14
N LEU C 111 0.66 -14.28 -31.66
CA LEU C 111 -0.40 -14.61 -32.61
C LEU C 111 -1.17 -15.82 -32.09
N THR C 112 -2.43 -15.92 -32.51
CA THR C 112 -3.21 -17.11 -32.21
C THR C 112 -4.33 -17.23 -33.23
N HIS C 113 -4.74 -18.47 -33.50
CA HIS C 113 -5.85 -18.71 -34.41
C HIS C 113 -6.50 -20.04 -34.06
N CYS C 114 -7.83 -20.00 -33.93
CA CYS C 114 -8.67 -21.18 -33.77
C CYS C 114 -9.88 -20.98 -34.67
N ALA C 115 -10.85 -21.89 -34.58
CA ALA C 115 -12.07 -21.73 -35.36
C ALA C 115 -12.72 -20.39 -35.03
N GLY C 116 -12.95 -19.56 -36.05
CA GLY C 116 -13.66 -18.33 -35.88
C GLY C 116 -12.88 -17.21 -35.22
N TYR C 117 -11.56 -17.33 -35.11
CA TYR C 117 -10.78 -16.25 -34.53
C TYR C 117 -9.36 -16.22 -35.07
N ARG C 118 -8.90 -15.02 -35.41
CA ARG C 118 -7.51 -14.71 -35.68
C ARG C 118 -7.16 -13.44 -34.90
N GLY C 119 -6.07 -13.47 -34.15
CA GLY C 119 -5.70 -12.34 -33.34
C GLY C 119 -4.21 -12.13 -33.27
N ALA C 120 -3.81 -10.86 -33.23
CA ALA C 120 -2.42 -10.46 -33.11
C ALA C 120 -2.31 -9.31 -32.11
N VAL C 121 -1.35 -9.40 -31.20
CA VAL C 121 -0.98 -8.31 -30.31
C VAL C 121 0.51 -8.06 -30.44
N VAL C 122 0.90 -6.80 -30.67
CA VAL C 122 2.28 -6.41 -30.84
C VAL C 122 2.55 -5.22 -29.94
N GLY C 123 3.82 -5.00 -29.62
CA GLY C 123 4.21 -3.91 -28.74
C GLY C 123 5.68 -3.61 -28.82
N ARG C 124 6.03 -2.39 -28.42
CA ARG C 124 7.41 -1.96 -28.42
C ARG C 124 8.17 -2.60 -27.26
N ARG C 125 9.34 -3.16 -27.56
CA ARG C 125 10.12 -3.81 -26.51
C ARG C 125 10.59 -2.82 -25.45
N ASP C 126 10.71 -1.53 -25.80
CA ASP C 126 11.09 -0.53 -24.80
C ASP C 126 10.08 -0.47 -23.65
N ALA C 127 8.82 -0.78 -23.93
CA ALA C 127 7.76 -0.75 -22.92
C ALA C 127 7.23 -2.12 -22.57
N VAL C 128 7.19 -3.05 -23.52
CA VAL C 128 6.66 -4.39 -23.32
C VAL C 128 7.82 -5.37 -23.43
N ARG C 129 8.01 -6.20 -22.39
CA ARG C 129 9.06 -7.20 -22.44
C ARG C 129 8.69 -8.33 -23.41
N SER C 130 7.46 -8.80 -23.35
CA SER C 130 6.99 -9.92 -24.15
C SER C 130 5.48 -9.92 -24.13
N VAL C 131 4.89 -10.65 -25.07
CA VAL C 131 3.44 -10.78 -25.18
C VAL C 131 3.10 -12.23 -25.47
N GLY C 132 2.08 -12.73 -24.80
CA GLY C 132 1.52 -14.04 -25.10
C GLY C 132 0.02 -13.99 -25.13
N ILE C 133 -0.60 -14.49 -26.20
CA ILE C 133 -2.05 -14.53 -26.31
C ILE C 133 -2.48 -15.92 -26.75
N ASP C 134 -3.73 -16.27 -26.46
CA ASP C 134 -4.28 -17.54 -26.89
C ASP C 134 -5.79 -17.45 -27.00
N ALA C 135 -6.34 -18.15 -27.98
CA ALA C 135 -7.78 -18.16 -28.25
C ALA C 135 -8.23 -19.59 -28.48
N GLU C 136 -9.29 -20.01 -27.78
CA GLU C 136 -9.83 -21.34 -27.91
C GLU C 136 -11.35 -21.28 -27.89
N PRO C 137 -12.03 -22.22 -28.54
CA PRO C 137 -13.49 -22.33 -28.37
C PRO C 137 -13.85 -22.71 -26.94
N HIS C 138 -14.94 -22.12 -26.45
CA HIS C 138 -15.40 -22.37 -25.08
C HIS C 138 -16.14 -23.71 -25.04
N ASP C 139 -15.36 -24.78 -25.22
CA ASP C 139 -15.84 -26.15 -25.17
C ASP C 139 -15.12 -26.88 -24.05
N VAL C 140 -15.76 -27.93 -23.54
CA VAL C 140 -15.07 -28.83 -22.63
C VAL C 140 -13.84 -29.38 -23.35
N LEU C 141 -12.79 -29.67 -22.59
CA LEU C 141 -11.64 -30.34 -23.17
C LEU C 141 -12.03 -31.77 -23.55
N PRO C 142 -11.50 -32.29 -24.66
CA PRO C 142 -11.75 -33.70 -24.98
C PRO C 142 -11.19 -34.61 -23.88
N ASN C 143 -11.68 -35.85 -23.88
CA ASN C 143 -11.30 -36.79 -22.83
C ASN C 143 -9.79 -37.04 -22.83
N GLY C 144 -9.21 -37.07 -21.64
CA GLY C 144 -7.81 -37.38 -21.46
C GLY C 144 -6.87 -36.20 -21.45
N VAL C 145 -7.32 -35.03 -21.89
CA VAL C 145 -6.40 -33.90 -22.07
C VAL C 145 -6.20 -33.10 -20.79
N LEU C 146 -7.22 -33.00 -19.93
CA LEU C 146 -7.07 -32.23 -18.70
C LEU C 146 -5.91 -32.75 -17.87
N ASP C 147 -5.84 -34.08 -17.70
CA ASP C 147 -4.76 -34.67 -16.90
C ASP C 147 -3.39 -34.34 -17.49
N ALA C 148 -3.30 -34.25 -18.81
CA ALA C 148 -2.01 -34.02 -19.45
C ALA C 148 -1.55 -32.57 -19.28
N ILE C 149 -2.49 -31.62 -19.20
CA ILE C 149 -2.14 -30.20 -19.26
C ILE C 149 -2.20 -29.53 -17.90
N SER C 150 -2.56 -30.24 -16.84
CA SER C 150 -2.74 -29.63 -15.52
C SER C 150 -1.89 -30.36 -14.48
N LEU C 151 -1.81 -29.72 -13.31
CA LEU C 151 -1.23 -30.21 -12.08
C LEU C 151 -2.34 -30.63 -11.12
N PRO C 152 -2.11 -31.64 -10.28
CA PRO C 152 -3.14 -32.01 -9.28
C PRO C 152 -3.69 -30.83 -8.51
N ALA C 153 -2.86 -29.83 -8.21
CA ALA C 153 -3.30 -28.72 -7.38
C ALA C 153 -4.25 -27.80 -8.14
N GLU C 154 -4.01 -27.62 -9.44
CA GLU C 154 -4.94 -26.84 -10.26
C GLU C 154 -6.29 -27.56 -10.38
N ARG C 155 -6.27 -28.86 -10.68
CA ARG C 155 -7.51 -29.61 -10.83
C ARG C 155 -8.33 -29.63 -9.54
N ALA C 156 -7.69 -29.43 -8.39
CA ALA C 156 -8.39 -29.45 -7.11
C ALA C 156 -8.94 -28.09 -6.72
N ASP C 157 -8.25 -27.01 -7.06
CA ASP C 157 -8.61 -25.67 -6.60
C ASP C 157 -9.48 -24.92 -7.60
N MET C 158 -9.08 -24.89 -8.87
CA MET C 158 -9.79 -24.10 -9.87
C MET C 158 -11.30 -24.28 -9.82
N PRO C 159 -11.86 -25.49 -9.89
CA PRO C 159 -13.32 -25.60 -9.88
C PRO C 159 -13.98 -25.09 -8.61
N ARG C 160 -13.29 -25.14 -7.47
CA ARG C 160 -13.91 -24.71 -6.23
C ARG C 160 -14.18 -23.21 -6.21
N THR C 161 -13.54 -22.44 -7.09
CA THR C 161 -13.68 -20.99 -7.10
C THR C 161 -14.14 -20.42 -8.43
N MET C 162 -14.36 -21.26 -9.46
CA MET C 162 -14.73 -20.81 -10.79
C MET C 162 -16.22 -21.05 -11.01
N PRO C 163 -17.01 -20.07 -11.46
CA PRO C 163 -18.46 -20.28 -11.58
C PRO C 163 -18.82 -21.46 -12.48
N ALA C 164 -20.06 -21.93 -12.30
CA ALA C 164 -20.48 -23.20 -12.88
C ALA C 164 -20.69 -23.13 -14.39
N ALA C 165 -20.97 -21.96 -14.95
CA ALA C 165 -21.22 -21.84 -16.38
C ALA C 165 -19.95 -21.84 -17.22
N LEU C 166 -18.78 -22.01 -16.61
CA LEU C 166 -17.51 -21.87 -17.29
C LEU C 166 -16.83 -23.22 -17.44
N HIS C 167 -16.14 -23.41 -18.56
CA HIS C 167 -15.32 -24.59 -18.79
C HIS C 167 -13.92 -24.28 -18.26
N TRP C 168 -13.78 -24.46 -16.94
CA TRP C 168 -12.52 -24.11 -16.27
C TRP C 168 -11.35 -24.89 -16.85
N ASP C 169 -11.57 -26.14 -17.26
CA ASP C 169 -10.48 -26.93 -17.83
C ASP C 169 -10.00 -26.33 -19.14
N ARG C 170 -10.92 -25.80 -19.95
CA ARG C 170 -10.52 -25.14 -21.20
C ARG C 170 -9.78 -23.85 -20.92
N ILE C 171 -10.27 -23.08 -19.94
CA ILE C 171 -9.63 -21.83 -19.56
C ILE C 171 -8.22 -22.09 -19.05
N LEU C 172 -8.06 -23.10 -18.20
CA LEU C 172 -6.73 -23.46 -17.72
C LEU C 172 -5.80 -23.74 -18.90
N PHE C 173 -6.28 -24.49 -19.89
CA PHE C 173 -5.46 -24.82 -21.05
C PHE C 173 -5.00 -23.57 -21.78
N CYS C 174 -5.91 -22.63 -22.02
CA CYS C 174 -5.55 -21.38 -22.66
C CYS C 174 -4.48 -20.64 -21.86
N ALA C 175 -4.68 -20.53 -20.55
CA ALA C 175 -3.71 -19.81 -19.72
C ALA C 175 -2.32 -20.42 -19.86
N LYS C 176 -2.23 -21.74 -19.93
CA LYS C 176 -0.94 -22.39 -20.08
C LYS C 176 -0.31 -22.06 -21.44
N GLU C 177 -1.12 -22.02 -22.50
CA GLU C 177 -0.59 -21.69 -23.82
C GLU C 177 -0.09 -20.25 -23.84
N ALA C 178 -0.88 -19.31 -23.32
CA ALA C 178 -0.46 -17.92 -23.29
C ALA C 178 0.81 -17.77 -22.47
N THR C 179 0.93 -18.53 -21.39
CA THR C 179 2.12 -18.47 -20.56
C THR C 179 3.36 -18.93 -21.33
N TYR C 180 3.23 -20.03 -22.09
CA TYR C 180 4.36 -20.50 -22.88
C TYR C 180 4.77 -19.45 -23.91
N LYS C 181 3.78 -18.79 -24.54
CA LYS C 181 4.11 -17.84 -25.61
C LYS C 181 4.84 -16.62 -25.06
N ALA C 182 4.50 -16.17 -23.85
CA ALA C 182 5.21 -15.05 -23.26
C ALA C 182 6.56 -15.49 -22.71
N TRP C 183 6.64 -16.71 -22.18
CA TRP C 183 7.85 -17.19 -21.53
C TRP C 183 8.96 -17.46 -22.53
N PHE C 184 8.63 -18.07 -23.68
CA PHE C 184 9.69 -18.65 -24.51
C PHE C 184 10.64 -17.61 -25.10
N PRO C 185 10.16 -16.49 -25.66
CA PRO C 185 11.12 -15.55 -26.29
C PRO C 185 12.12 -14.97 -25.31
N LEU C 186 11.85 -15.02 -24.01
CA LEU C 186 12.76 -14.45 -23.02
C LEU C 186 13.71 -15.48 -22.44
N THR C 187 13.34 -16.75 -22.46
CA THR C 187 14.17 -17.83 -21.93
C THR C 187 14.70 -18.76 -23.01
N LYS C 188 13.93 -19.01 -24.06
CA LYS C 188 14.30 -19.97 -25.10
C LYS C 188 14.45 -21.37 -24.54
N ARG C 189 13.63 -21.71 -23.54
CA ARG C 189 13.69 -23.01 -22.89
C ARG C 189 12.29 -23.61 -22.82
N TRP C 190 12.22 -24.93 -22.88
CA TRP C 190 10.95 -25.64 -22.83
C TRP C 190 10.25 -25.37 -21.50
N LEU C 191 8.93 -25.21 -21.57
CA LEU C 191 8.09 -25.08 -20.38
C LEU C 191 6.95 -26.07 -20.52
N GLY C 192 6.95 -27.09 -19.66
CA GLY C 192 5.92 -28.11 -19.73
C GLY C 192 4.65 -27.69 -19.00
N PHE C 193 3.59 -28.45 -19.25
CA PHE C 193 2.32 -28.17 -18.61
C PHE C 193 2.41 -28.31 -17.09
N GLU C 194 3.28 -29.20 -16.61
CA GLU C 194 3.49 -29.38 -15.18
C GLU C 194 4.64 -28.52 -14.65
N ASP C 195 5.11 -27.55 -15.43
CA ASP C 195 6.21 -26.70 -15.03
C ASP C 195 5.77 -25.31 -14.60
N ALA C 196 4.48 -25.01 -14.66
CA ALA C 196 3.95 -23.75 -14.14
C ALA C 196 2.60 -24.00 -13.49
N HIS C 197 2.39 -23.38 -12.34
CA HIS C 197 1.15 -23.49 -11.59
C HIS C 197 0.38 -22.19 -11.72
N ILE C 198 -0.90 -22.28 -12.09
CA ILE C 198 -1.72 -21.12 -12.41
C ILE C 198 -2.87 -21.06 -11.42
N THR C 199 -3.01 -19.92 -10.75
CA THR C 199 -4.15 -19.64 -9.90
C THR C 199 -5.05 -18.62 -10.59
N PHE C 200 -6.35 -18.75 -10.36
CA PHE C 200 -7.34 -17.97 -11.07
C PHE C 200 -8.22 -17.18 -10.11
N GLU C 201 -8.62 -15.99 -10.55
CA GLU C 201 -9.62 -15.18 -9.88
C GLU C 201 -10.66 -14.77 -10.90
N THR C 202 -11.91 -14.74 -10.47
CA THR C 202 -13.04 -14.38 -11.34
C THR C 202 -13.62 -13.05 -10.89
N ASP C 203 -13.97 -12.21 -11.85
CA ASP C 203 -14.62 -10.95 -11.54
C ASP C 203 -16.07 -11.19 -11.16
N SER C 204 -16.67 -10.20 -10.49
CA SER C 204 -18.04 -10.36 -10.01
C SER C 204 -19.01 -10.62 -11.16
N THR C 205 -18.72 -10.11 -12.35
CA THR C 205 -19.63 -10.31 -13.48
C THR C 205 -19.60 -11.75 -14.00
N GLY C 206 -18.56 -12.52 -13.68
CA GLY C 206 -18.59 -13.96 -13.85
C GLY C 206 -17.99 -14.49 -15.13
N TRP C 207 -17.60 -13.63 -16.08
CA TRP C 207 -17.12 -14.09 -17.37
C TRP C 207 -15.76 -13.50 -17.73
N THR C 208 -15.11 -12.82 -16.81
CA THR C 208 -13.77 -12.29 -17.00
C THR C 208 -13.02 -12.48 -15.69
N GLY C 209 -11.70 -12.36 -15.75
CA GLY C 209 -10.92 -12.52 -14.54
C GLY C 209 -9.44 -12.44 -14.83
N ARG C 210 -8.67 -12.67 -13.78
CA ARG C 210 -7.21 -12.61 -13.84
C ARG C 210 -6.65 -14.00 -13.54
N PHE C 211 -5.38 -14.20 -13.88
CA PHE C 211 -4.69 -15.41 -13.47
C PHE C 211 -3.21 -15.10 -13.25
N VAL C 212 -2.58 -15.93 -12.43
CA VAL C 212 -1.17 -15.77 -12.08
C VAL C 212 -0.48 -17.11 -12.33
N SER C 213 0.48 -17.11 -13.26
CA SER C 213 1.28 -18.30 -13.55
C SER C 213 2.57 -18.23 -12.74
N ARG C 214 2.77 -19.19 -11.84
CA ARG C 214 3.98 -19.29 -11.05
C ARG C 214 4.88 -20.36 -11.66
N ILE C 215 6.11 -19.97 -12.01
CA ILE C 215 7.06 -20.89 -12.63
C ILE C 215 7.67 -21.77 -11.55
N LEU C 216 7.76 -23.07 -11.83
CA LEU C 216 8.31 -24.04 -10.89
C LEU C 216 9.73 -24.48 -11.23
N ILE C 217 10.20 -24.21 -12.44
CA ILE C 217 11.56 -24.53 -12.86
C ILE C 217 12.39 -23.26 -12.80
N ASP C 218 13.68 -23.35 -13.15
CA ASP C 218 14.53 -22.18 -13.17
C ASP C 218 14.00 -21.15 -14.15
N GLY C 219 14.13 -19.88 -13.79
CA GLY C 219 13.49 -18.81 -14.54
C GLY C 219 14.44 -17.81 -15.17
N SER C 220 15.71 -18.17 -15.32
CA SER C 220 16.69 -17.26 -15.87
C SER C 220 16.29 -16.83 -17.27
N THR C 221 16.54 -15.55 -17.58
CA THR C 221 16.28 -14.98 -18.89
C THR C 221 17.59 -14.68 -19.60
N LEU C 222 17.50 -14.45 -20.91
CA LEU C 222 18.68 -14.09 -21.68
C LEU C 222 19.16 -12.67 -21.34
N SER C 223 18.25 -11.80 -20.95
CA SER C 223 18.61 -10.49 -20.43
C SER C 223 17.47 -10.01 -19.55
N GLY C 224 17.81 -9.33 -18.46
CA GLY C 224 16.82 -8.83 -17.53
C GLY C 224 16.53 -9.80 -16.41
N PRO C 225 15.61 -9.42 -15.52
CA PRO C 225 15.44 -10.18 -14.28
C PRO C 225 14.72 -11.50 -14.54
N PRO C 226 14.95 -12.50 -13.68
CA PRO C 226 14.33 -13.82 -13.90
C PRO C 226 12.82 -13.76 -13.83
N LEU C 227 12.19 -14.79 -14.41
CA LEU C 227 10.74 -14.88 -14.52
C LEU C 227 10.23 -15.86 -13.46
N THR C 228 9.48 -15.33 -12.50
CA THR C 228 8.88 -16.14 -11.45
C THR C 228 7.36 -16.19 -11.53
N THR C 229 6.70 -15.05 -11.76
CA THR C 229 5.24 -15.00 -11.85
C THR C 229 4.83 -14.11 -13.01
N LEU C 230 3.94 -14.63 -13.86
CA LEU C 230 3.35 -13.89 -14.95
C LEU C 230 1.87 -13.67 -14.65
N ARG C 231 1.48 -12.40 -14.54
CA ARG C 231 0.07 -12.04 -14.38
C ARG C 231 -0.59 -11.94 -15.74
N GLY C 232 -1.79 -12.51 -15.87
CA GLY C 232 -2.54 -12.46 -17.10
C GLY C 232 -4.03 -12.23 -16.87
N ARG C 233 -4.75 -12.15 -17.98
CA ARG C 233 -6.19 -11.94 -17.96
C ARG C 233 -6.87 -12.99 -18.83
N TRP C 234 -8.11 -13.31 -18.50
CA TRP C 234 -8.90 -14.24 -19.29
C TRP C 234 -10.31 -13.69 -19.46
N SER C 235 -10.96 -14.10 -20.55
CA SER C 235 -12.27 -13.59 -20.90
C SER C 235 -13.01 -14.63 -21.73
N VAL C 236 -14.29 -14.82 -21.42
CA VAL C 236 -15.17 -15.71 -22.17
C VAL C 236 -16.27 -14.86 -22.80
N GLU C 237 -16.34 -14.88 -24.12
CA GLU C 237 -17.30 -14.06 -24.85
C GLU C 237 -17.33 -14.52 -26.30
N ARG C 238 -18.50 -14.41 -26.93
CA ARG C 238 -18.70 -14.83 -28.31
C ARG C 238 -18.33 -16.29 -28.54
N GLY C 239 -18.52 -17.13 -27.52
CA GLY C 239 -18.23 -18.55 -27.67
C GLY C 239 -16.76 -18.88 -27.73
N LEU C 240 -15.89 -18.00 -27.25
CA LEU C 240 -14.45 -18.21 -27.30
C LEU C 240 -13.84 -17.90 -25.94
N VAL C 241 -12.73 -18.57 -25.64
CA VAL C 241 -11.89 -18.24 -24.48
C VAL C 241 -10.68 -17.48 -24.98
N LEU C 242 -10.43 -16.31 -24.40
CA LEU C 242 -9.20 -15.56 -24.67
C LEU C 242 -8.40 -15.38 -23.40
N THR C 243 -7.09 -15.56 -23.51
CA THR C 243 -6.14 -15.25 -22.45
C THR C 243 -5.03 -14.40 -23.04
N ALA C 244 -4.45 -13.53 -22.22
CA ALA C 244 -3.34 -12.71 -22.68
C ALA C 244 -2.46 -12.31 -21.51
N ILE C 245 -1.16 -12.23 -21.78
CA ILE C 245 -0.16 -11.80 -20.82
C ILE C 245 0.62 -10.65 -21.45
N VAL C 246 0.81 -9.58 -20.68
CA VAL C 246 1.62 -8.45 -21.13
C VAL C 246 2.66 -8.17 -20.05
N LEU C 247 3.92 -8.37 -20.37
CA LEU C 247 5.00 -8.21 -19.42
C LEU C 247 5.64 -6.83 -19.50
N GLY D 24 -5.01 -14.68 16.22
CA GLY D 24 -4.03 -14.32 15.22
C GLY D 24 -3.13 -15.46 14.84
N THR D 25 -1.92 -15.47 15.40
CA THR D 25 -0.95 -16.53 15.19
C THR D 25 -0.81 -17.35 16.47
N LEU D 26 -0.35 -18.59 16.30
CA LEU D 26 -0.03 -19.42 17.46
C LEU D 26 1.28 -18.99 18.10
N VAL D 27 2.28 -18.62 17.27
CA VAL D 27 3.61 -18.37 17.80
C VAL D 27 3.64 -17.11 18.65
N ALA D 28 2.78 -16.13 18.35
CA ALA D 28 2.73 -14.92 19.16
C ALA D 28 2.53 -15.24 20.63
N SER D 29 1.84 -16.34 20.94
CA SER D 29 1.54 -16.70 22.31
C SER D 29 2.76 -17.19 23.09
N VAL D 30 3.86 -17.52 22.42
CA VAL D 30 5.09 -17.95 23.08
C VAL D 30 6.21 -16.94 22.91
N LEU D 31 5.89 -15.73 22.45
CA LEU D 31 6.89 -14.70 22.23
C LEU D 31 6.71 -13.55 23.22
N PRO D 32 7.80 -12.91 23.64
CA PRO D 32 7.64 -11.69 24.45
C PRO D 32 7.04 -10.58 23.61
N ALA D 33 5.97 -9.99 24.11
CA ALA D 33 5.32 -8.87 23.44
C ALA D 33 6.14 -7.62 23.70
N THR D 34 6.96 -7.25 22.71
CA THR D 34 7.85 -6.10 22.82
C THR D 34 7.20 -4.88 22.17
N VAL D 35 7.24 -3.74 22.88
CA VAL D 35 6.61 -2.52 22.36
C VAL D 35 7.41 -1.91 21.22
N PHE D 36 8.64 -2.36 21.00
CA PHE D 36 9.47 -1.85 19.94
C PHE D 36 9.37 -2.68 18.66
N GLU D 37 8.54 -3.72 18.66
CA GLU D 37 8.32 -4.54 17.48
C GLU D 37 9.65 -5.01 16.88
N ASP D 38 10.51 -5.51 17.76
CA ASP D 38 11.82 -6.01 17.37
C ASP D 38 11.79 -7.43 16.83
N LEU D 39 10.67 -8.15 16.99
CA LEU D 39 10.53 -9.49 16.43
C LEU D 39 9.46 -9.47 15.34
N ALA D 40 9.74 -10.17 14.25
CA ALA D 40 8.76 -10.46 13.21
C ALA D 40 8.63 -11.98 13.09
N TYR D 41 7.42 -12.42 12.71
CA TYR D 41 7.14 -13.84 12.65
C TYR D 41 6.05 -14.08 11.61
N ALA D 42 6.07 -15.29 11.03
CA ALA D 42 5.06 -15.67 10.05
C ALA D 42 4.89 -17.18 10.11
N GLU D 43 3.66 -17.65 9.88
CA GLU D 43 3.37 -19.06 9.99
C GLU D 43 2.27 -19.45 9.01
N LEU D 44 2.30 -20.72 8.60
CA LEU D 44 1.30 -21.31 7.73
C LEU D 44 0.99 -22.71 8.22
N TYR D 45 -0.20 -23.19 7.88
CA TYR D 45 -0.67 -24.50 8.30
C TYR D 45 -0.78 -25.49 7.14
N SER D 46 -0.18 -25.14 6.00
CA SER D 46 -0.20 -25.98 4.82
C SER D 46 0.89 -25.47 3.90
N ASP D 47 1.06 -26.14 2.76
CA ASP D 47 2.06 -25.74 1.77
C ASP D 47 1.36 -25.11 0.58
N PRO D 48 1.39 -23.77 0.46
CA PRO D 48 0.70 -23.12 -0.67
C PRO D 48 1.22 -23.62 -2.00
N PRO D 49 0.34 -23.79 -2.99
CA PRO D 49 0.82 -24.25 -4.30
C PRO D 49 1.62 -23.17 -5.02
N GLY D 50 2.51 -23.61 -5.88
CA GLY D 50 3.27 -22.72 -6.72
C GLY D 50 4.43 -22.02 -6.04
N LEU D 51 4.71 -22.33 -4.78
CA LEU D 51 5.88 -21.78 -4.11
C LEU D 51 7.13 -22.53 -4.55
N THR D 52 8.24 -21.80 -4.64
CA THR D 52 9.47 -22.32 -5.19
C THR D 52 10.64 -21.82 -4.36
N PRO D 53 11.75 -22.54 -4.35
CA PRO D 53 12.95 -22.03 -3.67
C PRO D 53 13.62 -20.94 -4.47
N LEU D 54 14.48 -20.18 -3.80
CA LEU D 54 15.35 -19.25 -4.50
C LEU D 54 16.45 -20.04 -5.23
N PRO D 55 17.01 -19.48 -6.29
CA PRO D 55 17.99 -20.25 -7.09
C PRO D 55 19.14 -20.82 -6.28
N GLU D 56 19.69 -20.05 -5.33
CA GLU D 56 20.78 -20.57 -4.52
C GLU D 56 20.33 -21.68 -3.58
N GLU D 57 19.03 -21.74 -3.26
CA GLU D 57 18.51 -22.79 -2.39
C GLU D 57 18.16 -24.07 -3.14
N ALA D 58 17.94 -23.97 -4.46
CA ALA D 58 17.34 -25.09 -5.20
C ALA D 58 18.22 -26.32 -5.24
N PRO D 59 19.54 -26.22 -5.45
CA PRO D 59 20.37 -27.43 -5.43
C PRO D 59 20.21 -28.25 -4.16
N LEU D 60 20.01 -27.59 -3.01
CA LEU D 60 19.93 -28.30 -1.75
C LEU D 60 18.82 -29.35 -1.76
N ILE D 61 17.69 -29.05 -2.39
CA ILE D 61 16.50 -29.89 -2.32
C ILE D 61 16.13 -30.46 -3.67
N ALA D 62 17.06 -30.48 -4.63
CA ALA D 62 16.73 -30.90 -5.99
C ALA D 62 16.16 -32.30 -6.01
N ARG D 63 16.75 -33.22 -5.24
CA ARG D 63 16.34 -34.62 -5.24
C ARG D 63 15.65 -35.04 -3.94
N SER D 64 15.24 -34.08 -3.12
CA SER D 64 14.56 -34.40 -1.88
C SER D 64 13.13 -34.86 -2.17
N VAL D 65 12.63 -35.74 -1.30
CA VAL D 65 11.25 -36.18 -1.42
C VAL D 65 10.32 -34.97 -1.28
N ALA D 66 9.10 -35.12 -1.80
CA ALA D 66 8.18 -33.98 -1.91
C ALA D 66 7.95 -33.33 -0.56
N LYS D 67 7.64 -34.13 0.47
CA LYS D 67 7.28 -33.55 1.75
C LYS D 67 8.43 -32.74 2.36
N ARG D 68 9.67 -33.16 2.09
CA ARG D 68 10.81 -32.37 2.55
C ARG D 68 10.96 -31.08 1.74
N ARG D 69 10.78 -31.16 0.42
CA ARG D 69 10.79 -29.96 -0.39
C ARG D 69 9.76 -28.96 0.11
N ASN D 70 8.52 -29.41 0.31
CA ASN D 70 7.43 -28.49 0.63
C ASN D 70 7.70 -27.76 1.94
N GLU D 71 8.09 -28.49 2.99
CA GLU D 71 8.37 -27.85 4.27
C GLU D 71 9.56 -26.90 4.16
N PHE D 72 10.57 -27.29 3.37
CA PHE D 72 11.73 -26.42 3.16
C PHE D 72 11.32 -25.13 2.46
N ILE D 73 10.48 -25.26 1.42
CA ILE D 73 10.07 -24.10 0.64
C ILE D 73 9.14 -23.21 1.45
N THR D 74 8.14 -23.80 2.12
CA THR D 74 7.12 -22.99 2.77
C THR D 74 7.68 -22.27 3.99
N VAL D 75 8.53 -22.92 4.77
CA VAL D 75 9.05 -22.28 5.97
C VAL D 75 9.99 -21.14 5.61
N ARG D 76 10.70 -21.26 4.49
CA ARG D 76 11.53 -20.15 4.03
C ARG D 76 10.70 -19.07 3.36
N HIS D 77 9.56 -19.43 2.80
CA HIS D 77 8.58 -18.43 2.40
C HIS D 77 8.10 -17.62 3.60
N CYS D 78 7.87 -18.30 4.73
CA CYS D 78 7.49 -17.58 5.94
C CYS D 78 8.65 -16.73 6.48
N ALA D 79 9.86 -17.31 6.52
CA ALA D 79 11.00 -16.56 7.03
C ALA D 79 11.21 -15.27 6.25
N ARG D 80 11.08 -15.31 4.92
CA ARG D 80 11.32 -14.12 4.11
C ARG D 80 10.22 -13.08 4.30
N ILE D 81 8.98 -13.51 4.52
CA ILE D 81 7.93 -12.56 4.83
C ILE D 81 8.24 -11.82 6.13
N ALA D 82 8.66 -12.56 7.15
CA ALA D 82 9.07 -11.92 8.40
C ALA D 82 10.23 -10.97 8.19
N LEU D 83 11.25 -11.41 7.45
CA LEU D 83 12.43 -10.58 7.26
C LEU D 83 12.09 -9.26 6.57
N ASP D 84 11.17 -9.30 5.61
CA ASP D 84 10.80 -8.07 4.90
C ASP D 84 10.01 -7.13 5.80
N GLN D 85 9.21 -7.66 6.73
CA GLN D 85 8.56 -6.81 7.72
C GLN D 85 9.58 -6.00 8.50
N LEU D 86 10.80 -6.53 8.68
CA LEU D 86 11.86 -5.81 9.37
C LEU D 86 12.83 -5.12 8.40
N GLY D 87 12.43 -4.96 7.14
CA GLY D 87 13.24 -4.23 6.19
C GLY D 87 14.37 -4.99 5.56
N VAL D 88 14.41 -6.32 5.71
CA VAL D 88 15.47 -7.15 5.14
C VAL D 88 14.92 -7.79 3.86
N PRO D 89 15.40 -7.40 2.68
CA PRO D 89 14.83 -7.96 1.44
C PRO D 89 15.12 -9.44 1.30
N PRO D 90 14.39 -10.13 0.43
CA PRO D 90 14.52 -11.59 0.33
C PRO D 90 15.94 -12.03 0.00
N ALA D 91 16.36 -13.13 0.63
CA ALA D 91 17.69 -13.69 0.42
C ALA D 91 17.62 -15.19 0.66
N PRO D 92 18.55 -15.95 0.10
CA PRO D 92 18.55 -17.40 0.34
C PRO D 92 18.86 -17.72 1.80
N ILE D 93 18.17 -18.73 2.33
CA ILE D 93 18.41 -19.18 3.69
C ILE D 93 19.00 -20.59 3.64
N LEU D 94 20.31 -20.67 3.42
CA LEU D 94 21.01 -21.94 3.29
C LEU D 94 21.26 -22.55 4.67
N LYS D 95 21.84 -23.74 4.68
CA LYS D 95 22.15 -24.47 5.90
C LYS D 95 23.66 -24.59 6.06
N GLY D 96 24.13 -24.50 7.31
CA GLY D 96 25.53 -24.69 7.62
C GLY D 96 25.80 -25.96 8.40
N ASP D 97 26.84 -25.95 9.22
CA ASP D 97 27.20 -27.15 9.98
C ASP D 97 26.06 -27.54 10.92
N LYS D 98 25.83 -28.85 11.03
CA LYS D 98 24.80 -29.41 11.91
C LYS D 98 23.41 -28.83 11.60
N GLY D 99 23.20 -28.40 10.37
CA GLY D 99 21.88 -27.95 9.93
C GLY D 99 21.48 -26.56 10.37
N GLU D 100 22.41 -25.76 10.84
CA GLU D 100 22.06 -24.43 11.33
C GLU D 100 21.73 -23.49 10.16
N PRO D 101 20.60 -22.79 10.19
CA PRO D 101 20.28 -21.88 9.08
C PRO D 101 21.13 -20.62 9.12
N CYS D 102 21.56 -20.19 7.93
CA CYS D 102 22.36 -18.97 7.78
C CYS D 102 21.43 -17.79 7.52
N TRP D 103 21.43 -16.83 8.44
CA TRP D 103 20.54 -15.68 8.35
C TRP D 103 21.26 -14.48 7.75
N PRO D 104 20.52 -13.53 7.17
CA PRO D 104 21.15 -12.33 6.64
C PRO D 104 21.94 -11.60 7.72
N ASP D 105 22.93 -10.84 7.27
CA ASP D 105 23.81 -10.13 8.19
C ASP D 105 23.02 -9.30 9.17
N GLY D 106 23.35 -9.42 10.45
CA GLY D 106 22.71 -8.67 11.50
C GLY D 106 21.40 -9.24 12.02
N MET D 107 20.99 -10.41 11.55
CA MET D 107 19.70 -10.98 11.93
C MET D 107 19.88 -12.34 12.59
N VAL D 108 18.92 -12.70 13.43
CA VAL D 108 18.85 -14.00 14.07
C VAL D 108 17.45 -14.57 13.79
N GLY D 109 17.31 -15.87 13.99
CA GLY D 109 16.00 -16.48 13.80
C GLY D 109 16.04 -17.97 14.05
N SER D 110 14.86 -18.57 13.90
CA SER D 110 14.69 -20.00 14.09
C SER D 110 13.53 -20.45 13.22
N LEU D 111 13.63 -21.68 12.72
CA LEU D 111 12.62 -22.27 11.85
C LEU D 111 12.11 -23.54 12.50
N THR D 112 10.89 -23.91 12.13
CA THR D 112 10.34 -25.18 12.58
C THR D 112 9.23 -25.60 11.64
N HIS D 113 9.14 -26.90 11.39
CA HIS D 113 8.06 -27.45 10.61
C HIS D 113 7.66 -28.81 11.18
N CYS D 114 6.37 -29.02 11.30
CA CYS D 114 5.80 -30.30 11.70
C CYS D 114 4.49 -30.47 10.93
N ALA D 115 3.81 -31.58 11.18
CA ALA D 115 2.54 -31.81 10.51
C ALA D 115 1.59 -30.67 10.80
N GLY D 116 1.16 -29.97 9.75
CA GLY D 116 0.19 -28.90 9.89
C GLY D 116 0.74 -27.60 10.42
N TYR D 117 2.05 -27.39 10.39
CA TYR D 117 2.59 -26.12 10.84
C TYR D 117 3.95 -25.83 10.21
N ARG D 118 4.12 -24.59 9.74
CA ARG D 118 5.40 -24.02 9.38
C ARG D 118 5.50 -22.65 10.05
N GLY D 119 6.64 -22.36 10.67
CA GLY D 119 6.80 -21.12 11.39
C GLY D 119 8.22 -20.59 11.37
N ALA D 120 8.36 -19.28 11.31
CA ALA D 120 9.64 -18.61 11.35
C ALA D 120 9.56 -17.39 12.26
N VAL D 121 10.55 -17.24 13.12
CA VAL D 121 10.68 -16.08 14.00
C VAL D 121 12.07 -15.50 13.76
N VAL D 122 12.12 -14.21 13.43
CA VAL D 122 13.39 -13.54 13.21
C VAL D 122 13.44 -12.26 14.04
N GLY D 123 14.67 -11.85 14.37
CA GLY D 123 14.89 -10.61 15.08
C GLY D 123 16.25 -10.08 14.72
N ARG D 124 16.49 -8.84 15.11
CA ARG D 124 17.76 -8.17 14.86
C ARG D 124 18.74 -8.54 15.96
N ARG D 125 19.99 -8.85 15.57
CA ARG D 125 20.99 -9.17 16.58
C ARG D 125 21.24 -7.99 17.50
N ASP D 126 20.95 -6.76 17.03
CA ASP D 126 21.03 -5.59 17.90
C ASP D 126 20.24 -5.81 19.19
N ALA D 127 19.06 -6.40 19.08
CA ALA D 127 18.13 -6.49 20.20
C ALA D 127 17.86 -7.92 20.66
N VAL D 128 18.34 -8.93 19.95
CA VAL D 128 18.03 -10.32 20.25
C VAL D 128 19.27 -11.15 20.03
N ARG D 129 19.73 -11.82 21.10
CA ARG D 129 20.96 -12.60 21.03
C ARG D 129 20.77 -13.84 20.17
N SER D 130 19.67 -14.56 20.37
CA SER D 130 19.42 -15.83 19.69
C SER D 130 17.94 -16.13 19.80
N VAL D 131 17.45 -16.95 18.87
CA VAL D 131 16.07 -17.40 18.87
C VAL D 131 16.04 -18.91 18.66
N GLY D 132 15.20 -19.59 19.42
CA GLY D 132 14.92 -21.00 19.21
C GLY D 132 13.44 -21.28 19.36
N ILE D 133 12.82 -21.87 18.32
CA ILE D 133 11.41 -22.20 18.35
C ILE D 133 11.26 -23.68 17.99
N ASP D 134 10.15 -24.27 18.43
CA ASP D 134 9.84 -25.63 18.06
C ASP D 134 8.34 -25.82 18.07
N ALA D 135 7.84 -26.59 17.10
CA ALA D 135 6.42 -26.90 16.97
C ALA D 135 6.28 -28.40 16.87
N GLU D 136 5.34 -28.97 17.62
CA GLU D 136 5.05 -30.39 17.55
C GLU D 136 3.56 -30.63 17.68
N PRO D 137 3.05 -31.72 17.11
CA PRO D 137 1.65 -32.07 17.34
C PRO D 137 1.43 -32.45 18.79
N HIS D 138 0.27 -32.07 19.32
CA HIS D 138 -0.07 -32.36 20.71
C HIS D 138 -0.52 -33.82 20.78
N ASP D 139 0.47 -34.72 20.70
CA ASP D 139 0.25 -36.15 20.75
C ASP D 139 1.18 -36.75 21.79
N VAL D 140 0.76 -37.88 22.36
CA VAL D 140 1.62 -38.57 23.31
C VAL D 140 2.92 -38.95 22.60
N LEU D 141 4.03 -38.80 23.30
CA LEU D 141 5.31 -39.21 22.76
C LEU D 141 5.27 -40.69 22.38
N PRO D 142 6.07 -41.13 21.41
CA PRO D 142 6.17 -42.56 21.14
C PRO D 142 6.75 -43.31 22.34
N ASN D 143 6.62 -44.63 22.30
CA ASN D 143 7.10 -45.44 23.41
C ASN D 143 8.62 -45.34 23.54
N GLY D 144 9.09 -45.26 24.78
CA GLY D 144 10.50 -45.28 25.08
C GLY D 144 11.23 -43.95 24.93
N VAL D 145 10.63 -42.97 24.26
CA VAL D 145 11.35 -41.73 23.99
C VAL D 145 11.43 -40.85 25.23
N LEU D 146 10.37 -40.84 26.05
CA LEU D 146 10.35 -39.97 27.23
C LEU D 146 11.59 -40.17 28.08
N ASP D 147 11.90 -41.43 28.42
CA ASP D 147 13.03 -41.70 29.30
C ASP D 147 14.37 -41.43 28.61
N ALA D 148 14.40 -41.35 27.28
CA ALA D 148 15.62 -41.01 26.58
C ALA D 148 15.89 -39.52 26.57
N ILE D 149 14.83 -38.71 26.59
CA ILE D 149 14.98 -37.26 26.51
C ILE D 149 14.75 -36.55 27.85
N SER D 150 14.24 -37.26 28.85
CA SER D 150 13.92 -36.66 30.15
C SER D 150 14.87 -37.13 31.24
N LEU D 151 14.95 -36.33 32.30
CA LEU D 151 15.67 -36.64 33.53
C LEU D 151 14.69 -37.14 34.59
N PRO D 152 15.20 -37.79 35.64
CA PRO D 152 14.30 -38.22 36.72
C PRO D 152 13.55 -37.08 37.38
N ALA D 153 14.24 -35.98 37.71
CA ALA D 153 13.58 -34.87 38.37
C ALA D 153 12.47 -34.27 37.50
N GLU D 154 12.63 -34.34 36.18
CA GLU D 154 11.60 -33.79 35.30
C GLU D 154 10.35 -34.68 35.27
N ARG D 155 10.55 -36.00 35.22
CA ARG D 155 9.40 -36.90 35.17
C ARG D 155 8.56 -36.81 36.43
N ALA D 156 9.16 -36.41 37.56
CA ALA D 156 8.44 -36.34 38.82
C ALA D 156 7.69 -35.02 38.96
N ASP D 157 8.31 -33.90 38.58
CA ASP D 157 7.75 -32.59 38.87
C ASP D 157 6.67 -32.20 37.87
N MET D 158 6.89 -32.44 36.58
CA MET D 158 5.95 -31.94 35.57
C MET D 158 4.54 -32.48 35.74
N PRO D 159 4.31 -33.74 36.09
CA PRO D 159 2.93 -34.20 36.30
C PRO D 159 2.20 -33.46 37.41
N ARG D 160 2.91 -32.79 38.31
CA ARG D 160 2.27 -32.13 39.45
C ARG D 160 1.97 -30.66 39.20
N THR D 161 2.42 -30.09 38.08
CA THR D 161 2.18 -28.67 37.83
C THR D 161 1.54 -28.41 36.48
N MET D 162 1.77 -29.28 35.50
CA MET D 162 1.14 -29.12 34.20
C MET D 162 -0.36 -29.45 34.29
N PRO D 163 -1.20 -28.78 33.52
CA PRO D 163 -2.64 -29.07 33.57
C PRO D 163 -2.94 -30.49 33.08
N ALA D 164 -4.07 -31.02 33.56
CA ALA D 164 -4.43 -32.40 33.28
C ALA D 164 -4.75 -32.64 31.80
N ALA D 165 -5.10 -31.59 31.04
CA ALA D 165 -5.52 -31.74 29.66
C ALA D 165 -4.36 -31.63 28.67
N LEU D 166 -3.14 -31.97 29.08
CA LEU D 166 -1.96 -31.76 28.24
C LEU D 166 -1.03 -32.95 28.32
N HIS D 167 -0.29 -33.16 27.22
CA HIS D 167 0.70 -34.24 27.12
C HIS D 167 2.05 -33.66 27.52
N TRP D 168 2.26 -33.53 28.83
CA TRP D 168 3.46 -32.87 29.33
C TRP D 168 4.72 -33.50 28.77
N ASP D 169 4.67 -34.78 28.40
CA ASP D 169 5.85 -35.43 27.83
C ASP D 169 6.22 -34.81 26.48
N ARG D 170 5.22 -34.44 25.68
CA ARG D 170 5.50 -33.81 24.39
C ARG D 170 5.97 -32.37 24.57
N ILE D 171 5.39 -31.65 25.53
CA ILE D 171 5.79 -30.27 25.76
C ILE D 171 7.24 -30.20 26.21
N LEU D 172 7.62 -31.08 27.15
CA LEU D 172 9.01 -31.16 27.59
C LEU D 172 9.93 -31.42 26.40
N PHE D 173 9.59 -32.41 25.59
CA PHE D 173 10.35 -32.71 24.38
C PHE D 173 10.50 -31.46 23.52
N CYS D 174 9.37 -30.84 23.19
CA CYS D 174 9.39 -29.64 22.36
C CYS D 174 10.18 -28.52 23.00
N ALA D 175 10.21 -28.44 24.34
CA ALA D 175 10.99 -27.40 25.00
C ALA D 175 12.49 -27.70 24.96
N LYS D 176 12.87 -28.97 25.04
CA LYS D 176 14.29 -29.32 24.89
C LYS D 176 14.79 -28.93 23.51
N GLU D 177 13.98 -29.19 22.48
CA GLU D 177 14.37 -28.86 21.11
C GLU D 177 14.60 -27.36 20.96
N ALA D 178 13.66 -26.54 21.47
CA ALA D 178 13.81 -25.10 21.37
C ALA D 178 15.08 -24.65 22.07
N THR D 179 15.39 -25.25 23.22
CA THR D 179 16.62 -24.95 23.94
C THR D 179 17.83 -25.12 23.03
N TYR D 180 17.93 -26.27 22.36
CA TYR D 180 19.08 -26.55 21.51
C TYR D 180 19.20 -25.53 20.39
N LYS D 181 18.06 -25.10 19.83
CA LYS D 181 18.10 -24.21 18.69
C LYS D 181 18.57 -22.80 19.08
N ALA D 182 18.19 -22.35 20.28
CA ALA D 182 18.72 -21.07 20.77
C ALA D 182 20.16 -21.23 21.26
N TRP D 183 20.53 -22.43 21.68
CA TRP D 183 21.85 -22.68 22.23
C TRP D 183 22.92 -22.73 21.14
N PHE D 184 22.66 -23.45 20.07
CA PHE D 184 23.75 -23.81 19.15
C PHE D 184 24.40 -22.61 18.47
N PRO D 185 23.67 -21.62 17.94
CA PRO D 185 24.38 -20.54 17.22
C PRO D 185 25.32 -19.76 18.11
N LEU D 186 25.08 -19.72 19.42
CA LEU D 186 25.94 -19.00 20.33
C LEU D 186 27.14 -19.84 20.78
N THR D 187 27.01 -21.16 20.79
CA THR D 187 28.03 -22.05 21.32
C THR D 187 28.70 -22.94 20.27
N LYS D 188 28.00 -23.26 19.18
CA LYS D 188 28.50 -24.20 18.17
C LYS D 188 28.85 -25.55 18.78
N ARG D 189 28.21 -25.90 19.90
CA ARG D 189 28.55 -27.12 20.63
C ARG D 189 27.31 -27.99 20.82
N TRP D 190 27.55 -29.29 20.91
CA TRP D 190 26.49 -30.25 21.16
C TRP D 190 25.77 -29.94 22.48
N LEU D 191 24.50 -30.33 22.54
CA LEU D 191 23.71 -30.27 23.77
C LEU D 191 22.79 -31.47 23.80
N GLY D 192 23.04 -32.41 24.71
CA GLY D 192 22.21 -33.59 24.81
C GLY D 192 20.93 -33.32 25.58
N PHE D 193 19.97 -34.23 25.39
CA PHE D 193 18.73 -34.15 26.17
C PHE D 193 19.03 -34.19 27.66
N GLU D 194 20.02 -34.99 28.06
CA GLU D 194 20.39 -35.09 29.47
C GLU D 194 21.13 -33.87 29.99
N ASP D 195 21.52 -32.94 29.11
CA ASP D 195 22.35 -31.80 29.51
C ASP D 195 21.55 -30.58 29.92
N ALA D 196 20.21 -30.68 29.99
CA ALA D 196 19.39 -29.55 30.39
C ALA D 196 18.22 -30.02 31.24
N HIS D 197 18.04 -29.35 32.39
CA HIS D 197 16.94 -29.62 33.31
C HIS D 197 15.92 -28.48 33.15
N ILE D 198 14.71 -28.83 32.71
CA ILE D 198 13.69 -27.85 32.36
C ILE D 198 12.61 -27.86 33.43
N THR D 199 12.30 -26.68 33.96
CA THR D 199 11.25 -26.47 34.95
C THR D 199 10.10 -25.72 34.30
N PHE D 200 8.87 -26.06 34.68
CA PHE D 200 7.68 -25.53 34.02
C PHE D 200 6.77 -24.81 35.00
N GLU D 201 6.18 -23.72 34.53
CA GLU D 201 5.12 -23.01 35.23
C GLU D 201 3.95 -22.80 34.27
N THR D 202 2.77 -22.63 34.84
CA THR D 202 1.53 -22.53 34.07
C THR D 202 0.80 -21.24 34.41
N ASP D 203 0.23 -20.61 33.38
CA ASP D 203 -0.54 -19.40 33.57
C ASP D 203 -1.94 -19.74 34.09
N SER D 204 -2.72 -18.70 34.40
CA SER D 204 -4.08 -18.90 34.88
C SER D 204 -5.04 -19.29 33.76
N THR D 205 -4.71 -18.98 32.51
CA THR D 205 -5.54 -19.45 31.40
C THR D 205 -5.49 -20.97 31.30
N GLY D 206 -4.38 -21.58 31.67
CA GLY D 206 -4.27 -23.02 31.70
C GLY D 206 -3.85 -23.68 30.40
N TRP D 207 -3.59 -22.90 29.35
CA TRP D 207 -3.11 -23.46 28.08
C TRP D 207 -1.78 -22.86 27.64
N THR D 208 -1.21 -21.93 28.41
CA THR D 208 0.10 -21.36 28.13
C THR D 208 0.89 -21.29 29.44
N GLY D 209 2.19 -21.03 29.32
CA GLY D 209 3.01 -20.86 30.50
C GLY D 209 4.45 -20.61 30.15
N ARG D 210 5.28 -20.62 31.18
CA ARG D 210 6.70 -20.35 31.08
C ARG D 210 7.49 -21.61 31.43
N PHE D 211 8.74 -21.63 31.00
CA PHE D 211 9.65 -22.69 31.43
C PHE D 211 11.06 -22.13 31.53
N VAL D 212 11.88 -22.79 32.35
CA VAL D 212 13.26 -22.41 32.60
C VAL D 212 14.15 -23.61 32.32
N SER D 213 15.07 -23.46 31.37
CA SER D 213 16.03 -24.49 31.02
C SER D 213 17.36 -24.20 31.71
N ARG D 214 17.81 -25.12 32.55
CA ARG D 214 19.05 -24.97 33.31
C ARG D 214 20.12 -25.86 32.72
N ILE D 215 21.21 -25.23 32.27
CA ILE D 215 22.27 -25.92 31.53
C ILE D 215 23.21 -26.59 32.52
N LEU D 216 23.51 -27.87 32.28
CA LEU D 216 24.30 -28.67 33.21
C LEU D 216 25.77 -28.79 32.80
N ILE D 217 26.13 -28.35 31.61
CA ILE D 217 27.51 -28.45 31.12
C ILE D 217 28.06 -27.04 30.91
N ASP D 218 29.33 -26.95 30.51
CA ASP D 218 29.94 -25.66 30.26
C ASP D 218 29.10 -24.87 29.27
N GLY D 219 28.91 -23.58 29.57
CA GLY D 219 28.08 -22.73 28.75
C GLY D 219 28.83 -21.62 28.05
N SER D 220 30.12 -21.83 27.82
CA SER D 220 30.94 -20.80 27.18
C SER D 220 30.46 -20.54 25.76
N THR D 221 30.44 -19.27 25.37
CA THR D 221 29.96 -18.83 24.07
C THR D 221 31.06 -18.17 23.29
N LEU D 222 30.89 -18.15 21.97
CA LEU D 222 31.81 -17.42 21.09
C LEU D 222 31.98 -15.98 21.56
N SER D 223 30.88 -15.35 22.00
CA SER D 223 30.93 -13.99 22.51
C SER D 223 29.85 -13.83 23.57
N GLY D 224 30.10 -12.94 24.53
CA GLY D 224 29.11 -12.59 25.51
C GLY D 224 29.14 -13.47 26.74
N PRO D 225 28.15 -13.31 27.62
CA PRO D 225 28.14 -14.09 28.87
C PRO D 225 27.79 -15.55 28.59
N PRO D 226 28.30 -16.46 29.40
CA PRO D 226 27.94 -17.87 29.21
C PRO D 226 26.47 -18.13 29.52
N LEU D 227 25.92 -19.12 28.81
CA LEU D 227 24.53 -19.53 29.01
C LEU D 227 24.45 -20.55 30.13
N THR D 228 23.71 -20.23 31.19
CA THR D 228 23.42 -21.18 32.26
C THR D 228 21.93 -21.41 32.50
N THR D 229 21.10 -20.39 32.30
CA THR D 229 19.66 -20.49 32.56
C THR D 229 18.92 -19.76 31.46
N LEU D 230 18.00 -20.46 30.79
CA LEU D 230 17.29 -19.94 29.62
C LEU D 230 15.79 -19.95 29.90
N ARG D 231 15.16 -18.78 29.80
CA ARG D 231 13.72 -18.65 29.97
C ARG D 231 13.01 -18.84 28.65
N GLY D 232 11.96 -19.67 28.65
CA GLY D 232 11.13 -19.86 27.48
C GLY D 232 9.64 -19.77 27.81
N ARG D 233 8.84 -19.85 26.74
CA ARG D 233 7.39 -19.86 26.83
C ARG D 233 6.85 -21.07 26.06
N TRP D 234 5.69 -21.57 26.48
CA TRP D 234 5.06 -22.70 25.81
C TRP D 234 3.56 -22.45 25.67
N SER D 235 2.95 -23.20 24.77
CA SER D 235 1.53 -23.01 24.45
C SER D 235 1.02 -24.25 23.73
N VAL D 236 -0.19 -24.68 24.08
CA VAL D 236 -0.90 -25.72 23.34
C VAL D 236 -2.15 -25.09 22.74
N GLU D 237 -2.30 -25.22 21.42
CA GLU D 237 -3.38 -24.56 20.70
C GLU D 237 -3.47 -25.20 19.32
N ARG D 238 -4.70 -25.42 18.86
CA ARG D 238 -4.95 -25.93 17.51
C ARG D 238 -4.30 -27.31 17.30
N GLY D 239 -4.32 -28.13 18.35
CA GLY D 239 -3.69 -29.43 18.27
C GLY D 239 -2.19 -29.40 18.13
N LEU D 240 -1.55 -28.31 18.52
CA LEU D 240 -0.11 -28.13 18.35
C LEU D 240 0.52 -27.66 19.65
N VAL D 241 1.78 -28.01 19.84
CA VAL D 241 2.59 -27.51 20.93
C VAL D 241 3.66 -26.58 20.34
N LEU D 242 3.73 -25.36 20.85
CA LEU D 242 4.75 -24.41 20.45
C LEU D 242 5.58 -23.97 21.64
N THR D 243 6.89 -23.87 21.43
CA THR D 243 7.83 -23.36 22.42
C THR D 243 8.75 -22.36 21.73
N ALA D 244 9.15 -21.34 22.47
CA ALA D 244 10.07 -20.34 21.92
C ALA D 244 10.97 -19.82 23.03
N ILE D 245 12.23 -19.60 22.68
CA ILE D 245 13.22 -18.98 23.56
C ILE D 245 13.80 -17.78 22.83
N VAL D 246 13.71 -16.61 23.44
CA VAL D 246 14.24 -15.37 22.87
C VAL D 246 15.31 -14.87 23.83
N LEU D 247 16.57 -15.03 23.45
CA LEU D 247 17.69 -14.57 24.26
C LEU D 247 18.18 -13.22 23.76
P1 A3P E . -15.16 20.07 5.25
O1P A3P E . -16.36 19.38 5.84
O2P A3P E . -15.44 20.38 3.80
O3P A3P E . -13.97 19.14 5.33
P2 A3P E . -13.28 24.08 10.64
O4P A3P E . -11.93 23.48 10.90
O5P A3P E . -13.34 25.44 11.27
O6P A3P E . -14.35 23.15 11.18
O5' A3P E . -13.47 24.19 9.03
C5' A3P E . -13.60 22.98 8.35
C4' A3P E . -13.75 23.34 6.87
O4' A3P E . -12.71 24.00 6.47
C3' A3P E . -13.70 22.09 5.98
O3' A3P E . -14.89 21.46 6.07
C2' A3P E . -13.44 22.74 4.61
O2' A3P E . -14.77 23.00 3.94
C1' A3P E . -12.89 23.91 4.87
N9 A3P E . -11.62 24.14 4.24
C8 A3P E . -10.76 23.16 4.56
N7 A3P E . -9.60 23.44 3.94
C5 A3P E . -9.74 24.59 3.28
C6 A3P E . -8.89 25.34 2.50
N6 A3P E . -7.52 25.11 2.12
N1 A3P E . -9.32 26.47 1.97
C2 A3P E . -10.58 26.90 2.17
N3 A3P E . -11.42 26.17 2.93
C4 A3P E . -10.99 25.02 3.48
H5'1 A3P E . -14.48 22.46 8.70
H5'2 A3P E . -12.72 22.37 8.51
H4' A3P E . -14.68 23.88 6.74
H3' A3P E . -12.92 21.38 6.20
H2' A3P E . -12.79 22.13 4.01
HO2' A3P E . -14.93 22.31 3.32
H1' A3P E . -13.60 24.64 4.48
H8 A3P E . -10.97 22.32 5.19
HN61 A3P E . -6.90 25.88 1.97
HN62 A3P E . -7.18 24.17 2.01
H2 A3P E . -10.92 27.82 1.73
MN MN F . -11.94 26.28 12.83
MN MN G . -14.51 21.37 12.19
P1 A3P H . -3.35 14.56 -4.28
O1P A3P H . -3.11 14.62 -5.78
O2P A3P H . -4.47 13.58 -3.99
O3P A3P H . -3.73 15.94 -3.80
P2 A3P H . 3.22 14.96 -1.94
O4P A3P H . 3.16 16.21 -1.12
O5P A3P H . 4.40 14.15 -1.48
O6P A3P H . 3.32 15.30 -3.42
O5' A3P H . 1.85 14.10 -1.69
C5' A3P H . 0.64 14.76 -1.89
C4' A3P H . -0.43 13.67 -1.81
O4' A3P H . -0.55 13.31 -0.57
C3' A3P H . -1.83 14.18 -2.19
O3' A3P H . -1.97 14.07 -3.54
C2' A3P H . -2.75 13.22 -1.43
O2' A3P H . -3.12 12.10 -2.36
C1' A3P H . -2.04 12.72 -0.44
N9 A3P H . -2.52 12.95 0.91
C8 A3P H . -2.78 14.26 1.08
N7 A3P H . -3.23 14.43 2.33
C5 A3P H . -3.22 13.24 2.94
C6 A3P H . -3.55 12.83 4.20
N6 A3P H . -4.05 13.58 5.34
N1 A3P H . -3.44 11.56 4.54
C2 A3P H . -2.99 10.65 3.64
N3 A3P H . -2.65 11.04 2.39
C4 A3P H . -2.77 12.33 2.06
H5'1 A3P H . 0.62 15.24 -2.86
H5'2 A3P H . 0.47 15.51 -1.12
H4' A3P H . -0.18 12.84 -2.47
H3' A3P H . -2.02 15.21 -1.91
H2' A3P H . -3.61 13.76 -1.02
HO2' A3P H . -4.05 12.00 -2.38
H1' A3P H . -2.10 11.64 -0.62
H8 A3P H . -2.66 15.04 0.33
HN61 A3P H . -4.08 13.16 6.24
HN62 A3P H . -4.37 14.53 5.21
H2 A3P H . -2.89 9.60 3.92
MN MN I . 5.99 15.07 -0.21
MN MN J . 3.33 17.00 -4.66
P1 A3P K . 1.96 -19.17 -36.70
O1P A3P K . 0.96 -18.81 -37.75
O2P A3P K . 3.15 -18.24 -36.81
O3P A3P K . 2.39 -20.59 -36.90
P2 A3P K . -2.32 -21.00 -31.66
O4P A3P K . -1.81 -22.42 -31.72
O5P A3P K . -2.88 -20.72 -30.29
O6P A3P K . -3.37 -20.82 -32.74
O5' A3P K . -1.06 -20.00 -31.97
C5' A3P K . -0.11 -20.47 -32.87
C4' A3P K . 0.97 -19.38 -32.93
O4' A3P K . 1.75 -19.48 -31.91
C3' A3P K . 1.87 -19.57 -34.15
O3' A3P K . 1.28 -18.99 -35.22
C2' A3P K . 3.16 -18.85 -33.71
O2' A3P K . 3.11 -17.46 -34.24
C1' A3P K . 3.13 -18.80 -32.40
N9 A3P K . 4.22 -19.44 -31.68
C8 A3P K . 4.34 -20.69 -32.15
N7 A3P K . 5.33 -21.27 -31.47
C5 A3P K . 5.80 -20.39 -30.57
C6 A3P K . 6.79 -20.46 -29.62
N6 A3P K . 7.69 -21.54 -29.29
N1 A3P K . 7.04 -19.41 -28.85
C2 A3P K . 6.31 -18.28 -28.98
N3 A3P K . 5.33 -18.21 -29.91
C4 A3P K . 5.09 -19.27 -30.70
H5'1 A3P K . -0.55 -20.62 -33.85
H5'2 A3P K . 0.32 -21.40 -32.52
H4' A3P K . 0.50 -18.39 -32.96
H3' A3P K . 2.08 -20.60 -34.39
H2' A3P K . 4.03 -19.42 -34.05
HO2' A3P K . 3.88 -17.29 -34.74
H1' A3P K . 3.18 -17.73 -32.21
H8 A3P K . 3.75 -21.14 -32.93
HN61 A3P K . 7.40 -22.50 -29.38
HN62 A3P K . 8.62 -21.34 -28.96
H2 A3P K . 6.51 -17.43 -28.35
MN MN L . -3.89 -22.02 -28.80
MN MN M . -3.98 -22.01 -34.19
P1 A3P N . 15.59 -26.66 7.86
O1P A3P N . 14.50 -26.62 6.82
O2P A3P N . 16.51 -25.48 7.66
O3P A3P N . 16.39 -27.93 7.74
P2 A3P N . 11.99 -28.83 13.35
O4P A3P N . 12.61 -30.19 13.48
O5P A3P N . 11.41 -28.38 14.67
O6P A3P N . 10.93 -28.85 12.27
O5' A3P N . 13.14 -27.76 12.91
C5' A3P N . 14.03 -28.14 11.91
C4' A3P N . 14.81 -26.85 11.67
O4' A3P N . 15.64 -26.68 12.67
C3' A3P N . 15.70 -26.92 10.44
O3' A3P N . 14.94 -26.58 9.37
C2' A3P N . 16.79 -25.89 10.74
O2' A3P N . 16.41 -24.57 10.15
C1' A3P N . 16.80 -25.75 12.04
N9 A3P N . 18.03 -26.09 12.73
C8 A3P N . 18.41 -27.32 12.36
N7 A3P N . 19.55 -27.58 13.02
C5 A3P N . 19.84 -26.53 13.79
C6 A3P N . 20.87 -26.25 14.67
N6 A3P N . 22.02 -27.04 15.05
N1 A3P N . 20.89 -25.10 15.31
C2 A3P N . 19.91 -24.19 15.11
N3 A3P N . 18.90 -24.45 14.27
C4 A3P N . 18.89 -25.61 13.61
H5'1 A3P N . 13.50 -28.45 11.01
H5'2 A3P N . 14.67 -28.94 12.25
H4' A3P N . 14.15 -26.01 11.57
H3' A3P N . 16.15 -27.90 10.25
H2' A3P N . 17.74 -26.26 10.38
HO2' A3P N . 17.10 -24.27 9.58
H1' A3P N . 16.60 -24.69 12.18
H8 A3P N . 17.90 -27.98 11.67
HN61 A3P N . 22.93 -26.61 15.09
HN62 A3P N . 21.91 -28.00 15.27
H2 A3P N . 19.94 -23.24 15.65
MN MN O . 10.57 -30.26 16.64
MN MN P . 10.43 -30.34 10.92
#